data_3M4W
#
_entry.id   3M4W
#
_cell.length_a   87.097
_cell.length_b   119.513
_cell.length_c   150.866
_cell.angle_alpha   90.00
_cell.angle_beta   90.00
_cell.angle_gamma   90.00
#
_symmetry.space_group_name_H-M   'P 21 21 21'
#
loop_
_entity.id
_entity.type
_entity.pdbx_description
1 polymer 'Sigma-E factor regulatory protein rseB'
2 polymer 'Sigma-E factor negative regulatory protein'
3 non-polymer 'ZINC ION'
4 water water
#
loop_
_entity_poly.entity_id
_entity_poly.type
_entity_poly.pdbx_seq_one_letter_code
_entity_poly.pdbx_strand_id
1 'polypeptide(L)'
;TPASGALLQQMNLASQSLNYELSFISINKQGVESLRYRHARLDNRPLAQLLQMDGPRREVVQRGNEISYFEPGLEPFTLN
GDYIVDSLPSLIYTDFKRLSPYYDFISVGRTRIADRLCEVIRVVARDGTRYSYIVWMDTESKLPMRVDLLDRDGETLEQF
RVIAFNVNQDISSSMQTLAKANLPPLLSVPVGEKAKFSWTPTWLPQGFSEVSSSRRPLPTMDNMPIESRLYSDGLFSFSV
NVNRATPSSTDQMLRTGRRTVSTSVRDNAEITIVGELPPQTAKRIAENIKFGAAQ
;
A,B,C,D
2 'polypeptide(L)'
;YNGQSETSQQPETPVFNTLPMMGKASPVSLGVPSEATANNGQQQQVQEQRRRINAMLQDYELQRRLHSEQLQFEQAQTQQ
AAVQVPGIQTLGTQSQ
;
E,F,G,H
#
# COMPACT_ATOMS: atom_id res chain seq x y z
N PRO A 2 -9.88 21.50 31.32
CA PRO A 2 -10.28 20.54 32.37
C PRO A 2 -9.01 20.19 33.14
N ALA A 3 -8.90 18.94 33.56
CA ALA A 3 -7.70 18.51 34.26
C ALA A 3 -6.69 18.30 33.12
N SER A 4 -7.23 17.92 31.96
CA SER A 4 -6.44 17.67 30.75
C SER A 4 -5.41 18.76 30.50
N GLY A 5 -5.88 19.98 30.27
CA GLY A 5 -4.98 21.08 30.01
C GLY A 5 -3.82 21.14 30.97
N ALA A 6 -4.09 20.83 32.23
CA ALA A 6 -3.08 20.84 33.27
C ALA A 6 -2.16 19.63 33.10
N LEU A 7 -2.76 18.47 32.82
CA LEU A 7 -1.97 17.26 32.63
C LEU A 7 -0.92 17.51 31.55
N LEU A 8 -1.33 18.18 30.47
CA LEU A 8 -0.44 18.49 29.37
C LEU A 8 0.70 19.42 29.80
N GLN A 9 0.40 20.36 30.70
CA GLN A 9 1.46 21.25 31.17
C GLN A 9 2.44 20.41 31.98
N GLN A 10 1.90 19.49 32.77
CA GLN A 10 2.75 18.63 33.57
C GLN A 10 3.65 17.78 32.67
N MET A 11 3.05 17.15 31.65
CA MET A 11 3.81 16.33 30.70
C MET A 11 4.95 17.13 30.08
N ASN A 12 4.65 18.38 29.73
CA ASN A 12 5.67 19.22 29.14
C ASN A 12 6.79 19.53 30.15
N LEU A 13 6.39 19.84 31.38
CA LEU A 13 7.32 20.16 32.45
C LEU A 13 8.22 18.97 32.77
N ALA A 14 7.61 17.79 32.86
CA ALA A 14 8.38 16.59 33.14
C ALA A 14 9.46 16.40 32.08
N SER A 15 9.10 16.65 30.82
CA SER A 15 10.02 16.50 29.69
C SER A 15 11.23 17.40 29.77
N GLN A 16 11.10 18.54 30.42
CA GLN A 16 12.22 19.47 30.53
C GLN A 16 12.91 19.39 31.89
N SER A 17 12.27 18.74 32.85
CA SER A 17 12.82 18.65 34.21
C SER A 17 13.50 17.34 34.62
N LEU A 18 12.87 16.22 34.30
CA LEU A 18 13.39 14.92 34.68
C LEU A 18 14.61 14.45 33.87
N ASN A 19 15.35 13.53 34.46
CA ASN A 19 16.48 12.90 33.80
C ASN A 19 15.86 11.59 33.31
N TYR A 20 15.99 11.28 32.03
CA TYR A 20 15.40 10.05 31.53
C TYR A 20 15.91 9.63 30.16
N GLU A 21 15.52 8.44 29.76
CA GLU A 21 15.90 7.85 28.49
C GLU A 21 14.68 7.14 27.90
N LEU A 22 14.31 7.51 26.69
CA LEU A 22 13.18 6.90 26.01
C LEU A 22 13.73 6.18 24.78
N SER A 23 13.38 4.90 24.65
CA SER A 23 13.78 4.09 23.51
C SER A 23 12.46 3.92 22.79
N PHE A 24 12.34 4.58 21.64
CA PHE A 24 11.08 4.59 20.93
C PHE A 24 11.18 4.35 19.45
N ILE A 25 10.01 4.24 18.82
CA ILE A 25 9.96 4.10 17.38
C ILE A 25 9.15 5.24 16.81
N SER A 26 9.45 5.59 15.56
CA SER A 26 8.74 6.64 14.85
C SER A 26 8.20 5.97 13.60
N ILE A 27 6.88 5.93 13.53
CA ILE A 27 6.16 5.27 12.44
C ILE A 27 5.42 6.22 11.50
N ASN A 28 5.71 6.10 10.21
CA ASN A 28 5.01 6.90 9.20
C ASN A 28 5.02 6.10 7.91
N LYS A 29 4.72 6.75 6.78
CA LYS A 29 4.70 6.04 5.51
C LYS A 29 6.07 5.68 4.96
N GLN A 30 7.12 6.29 5.49
CA GLN A 30 8.47 5.95 5.02
C GLN A 30 8.98 4.68 5.73
N GLY A 31 8.36 4.34 6.86
CA GLY A 31 8.78 3.16 7.61
C GLY A 31 8.72 3.26 9.12
N VAL A 32 9.44 2.37 9.79
CA VAL A 32 9.50 2.31 11.24
C VAL A 32 10.93 2.58 11.72
N GLU A 33 11.14 3.73 12.33
CA GLU A 33 12.46 4.11 12.77
C GLU A 33 12.67 3.95 14.27
N SER A 34 13.77 3.30 14.59
CA SER A 34 14.19 3.02 15.95
C SER A 34 15.06 4.19 16.41
N LEU A 35 14.64 4.82 17.50
CA LEU A 35 15.38 5.98 18.01
C LEU A 35 15.53 5.95 19.54
N ARG A 36 16.40 6.80 20.05
CA ARG A 36 16.61 6.88 21.49
C ARG A 36 16.81 8.34 21.85
N TYR A 37 16.12 8.78 22.89
CA TYR A 37 16.26 10.15 23.34
C TYR A 37 16.65 10.22 24.83
N ARG A 38 17.76 10.86 25.12
CA ARG A 38 18.20 11.00 26.51
C ARG A 38 18.11 12.45 26.92
N HIS A 39 17.56 12.68 28.11
CA HIS A 39 17.44 14.05 28.58
C HIS A 39 17.82 14.19 30.06
N ALA A 40 18.55 15.26 30.35
CA ALA A 40 18.98 15.53 31.72
C ALA A 40 19.24 17.02 31.93
N ARG A 41 19.50 17.38 33.18
CA ARG A 41 19.83 18.75 33.55
C ARG A 41 21.08 18.70 34.40
N LEU A 42 22.03 19.58 34.10
CA LEU A 42 23.29 19.66 34.82
C LEU A 42 23.78 21.10 34.82
N ASP A 43 23.95 21.66 36.02
CA ASP A 43 24.40 23.04 36.19
C ASP A 43 23.41 24.05 35.59
N ASN A 44 22.14 23.87 35.88
CA ASN A 44 21.09 24.77 35.42
C ASN A 44 20.83 24.85 33.90
N ARG A 45 21.17 23.80 33.16
CA ARG A 45 20.93 23.80 31.72
C ARG A 45 20.65 22.40 31.21
N PRO A 46 19.80 22.28 30.17
CA PRO A 46 19.49 20.96 29.64
C PRO A 46 20.59 20.25 28.85
N LEU A 47 20.55 18.92 28.91
CA LEU A 47 21.48 18.07 28.19
C LEU A 47 20.56 17.08 27.50
N ALA A 48 20.79 16.83 26.22
CA ALA A 48 19.94 15.90 25.50
C ALA A 48 20.67 15.27 24.32
N GLN A 49 20.23 14.08 23.94
CA GLN A 49 20.79 13.40 22.79
C GLN A 49 19.76 12.53 22.09
N LEU A 50 19.60 12.73 20.79
CA LEU A 50 18.69 11.92 19.97
C LEU A 50 19.66 11.10 19.12
N LEU A 51 19.52 9.78 19.20
CA LEU A 51 20.41 8.89 18.47
C LEU A 51 19.66 7.99 17.51
N GLN A 52 20.15 7.89 16.27
CA GLN A 52 19.51 6.98 15.32
C GLN A 52 20.10 5.63 15.69
N MET A 53 19.25 4.69 16.07
CA MET A 53 19.74 3.38 16.49
C MET A 53 20.22 2.38 15.44
N ASP A 54 19.68 2.43 14.22
CA ASP A 54 20.14 1.53 13.18
C ASP A 54 20.82 2.26 12.02
N GLY A 55 21.75 1.58 11.37
CA GLY A 55 22.46 2.13 10.24
C GLY A 55 23.43 3.23 10.63
N PRO A 56 23.54 4.29 9.81
CA PRO A 56 24.44 5.41 10.09
C PRO A 56 24.15 5.97 11.47
N ARG A 57 25.21 6.26 12.21
CA ARG A 57 25.06 6.82 13.55
C ARG A 57 24.74 8.32 13.48
N ARG A 58 23.57 8.65 12.97
CA ARG A 58 23.18 10.04 12.94
C ARG A 58 22.84 10.39 14.41
N GLU A 59 23.15 11.62 14.80
CA GLU A 59 22.93 12.02 16.16
C GLU A 59 22.85 13.51 16.32
N VAL A 60 22.03 13.94 17.27
CA VAL A 60 21.86 15.35 17.56
C VAL A 60 22.06 15.48 19.06
N VAL A 61 22.80 16.50 19.45
CA VAL A 61 23.08 16.75 20.85
C VAL A 61 22.71 18.17 21.24
N GLN A 62 22.23 18.33 22.47
CA GLN A 62 21.87 19.63 22.99
C GLN A 62 22.57 19.88 24.32
N ARG A 63 23.18 21.06 24.44
CA ARG A 63 23.84 21.51 25.66
C ARG A 63 23.39 22.96 25.81
N GLY A 64 22.51 23.22 26.76
CA GLY A 64 22.00 24.58 26.88
C GLY A 64 21.24 24.94 25.61
N ASN A 65 21.50 26.11 25.04
CA ASN A 65 20.80 26.56 23.83
C ASN A 65 21.58 26.25 22.54
N GLU A 66 22.50 25.30 22.62
CA GLU A 66 23.31 24.92 21.45
C GLU A 66 22.97 23.51 20.98
N ILE A 67 22.51 23.43 19.73
CA ILE A 67 22.14 22.16 19.10
C ILE A 67 23.20 21.73 18.10
N SER A 68 23.88 20.63 18.38
CA SER A 68 24.92 20.15 17.48
C SER A 68 24.46 18.91 16.70
N TYR A 69 24.75 18.89 15.40
CA TYR A 69 24.37 17.80 14.52
C TYR A 69 25.56 16.99 14.01
N PHE A 70 25.46 15.67 14.13
CA PHE A 70 26.51 14.77 13.68
C PHE A 70 25.96 13.72 12.73
N GLU A 71 26.68 13.50 11.63
CA GLU A 71 26.30 12.51 10.64
C GLU A 71 27.57 11.93 10.05
N PRO A 72 27.62 10.60 9.87
CA PRO A 72 28.82 10.00 9.30
C PRO A 72 29.15 10.62 7.95
N GLY A 73 30.38 11.09 7.77
CA GLY A 73 30.76 11.69 6.51
C GLY A 73 30.23 13.08 6.24
N LEU A 74 30.22 13.92 7.28
CA LEU A 74 29.77 15.31 7.16
C LEU A 74 30.41 16.10 8.30
N GLU A 75 30.68 17.39 8.06
CA GLU A 75 31.28 18.21 9.10
C GLU A 75 30.21 18.58 10.11
N PRO A 76 30.44 18.26 11.39
CA PRO A 76 29.44 18.59 12.40
C PRO A 76 29.25 20.10 12.42
N PHE A 77 28.14 20.55 12.97
CA PHE A 77 27.88 21.97 13.06
C PHE A 77 26.86 22.21 14.15
N THR A 78 26.92 23.40 14.75
CA THR A 78 26.00 23.76 15.81
C THR A 78 25.14 24.96 15.49
N LEU A 79 23.87 24.91 15.94
CA LEU A 79 22.93 26.02 15.78
C LEU A 79 22.44 26.36 17.18
N ASN A 80 21.60 27.38 17.30
CA ASN A 80 21.02 27.74 18.58
C ASN A 80 19.56 27.30 18.53
N GLY A 81 19.05 26.80 19.66
CA GLY A 81 17.67 26.34 19.73
C GLY A 81 17.39 25.91 21.16
N ASP A 82 16.12 25.82 21.54
CA ASP A 82 15.78 25.44 22.91
C ASP A 82 15.56 23.95 23.11
N TYR A 83 15.72 23.19 22.03
CA TYR A 83 15.54 21.75 22.10
C TYR A 83 15.79 21.16 20.71
N ILE A 84 15.90 19.84 20.64
CA ILE A 84 16.14 19.17 19.36
C ILE A 84 14.81 18.91 18.65
N VAL A 85 14.57 19.62 17.55
CA VAL A 85 13.34 19.45 16.80
C VAL A 85 13.29 18.04 16.21
N ASP A 86 12.11 17.42 16.29
CA ASP A 86 11.88 16.06 15.77
C ASP A 86 12.50 15.00 16.66
N SER A 87 12.93 15.37 17.87
CA SER A 87 13.50 14.38 18.79
C SER A 87 12.28 13.77 19.49
N LEU A 88 11.26 14.60 19.66
CA LEU A 88 9.99 14.19 20.25
C LEU A 88 8.96 14.97 19.43
N PRO A 89 7.70 14.54 19.44
CA PRO A 89 6.74 15.32 18.65
C PRO A 89 6.67 16.73 19.21
N SER A 90 6.38 17.69 18.34
CA SER A 90 6.29 19.09 18.72
C SER A 90 5.35 19.29 19.89
N LEU A 91 4.30 18.47 19.94
CA LEU A 91 3.28 18.51 20.99
C LEU A 91 3.91 18.51 22.38
N ILE A 92 4.97 17.75 22.55
CA ILE A 92 5.63 17.64 23.85
C ILE A 92 6.40 18.91 24.25
N TYR A 93 6.83 19.69 23.27
CA TYR A 93 7.56 20.93 23.51
C TYR A 93 6.61 22.12 23.44
N THR A 94 5.33 21.84 23.53
CA THR A 94 4.31 22.86 23.43
C THR A 94 3.93 23.48 24.77
N ASP A 95 3.68 24.79 24.72
CA ASP A 95 3.25 25.55 25.89
C ASP A 95 1.73 25.52 25.82
N PHE A 96 1.12 24.56 26.49
CA PHE A 96 -0.32 24.46 26.43
C PHE A 96 -1.11 25.66 26.89
N LYS A 97 -0.52 26.51 27.74
CA LYS A 97 -1.22 27.70 28.19
C LYS A 97 -1.60 28.61 27.01
N ARG A 98 -0.63 28.97 26.18
CA ARG A 98 -0.90 29.84 25.03
C ARG A 98 -1.85 29.19 24.03
N LEU A 99 -1.90 27.86 24.02
CA LEU A 99 -2.75 27.12 23.10
C LEU A 99 -4.21 27.04 23.53
N SER A 100 -4.45 26.93 24.83
CA SER A 100 -5.82 26.81 25.37
C SER A 100 -6.86 27.74 24.74
N PRO A 101 -6.47 28.95 24.33
CA PRO A 101 -7.45 29.86 23.73
C PRO A 101 -8.03 29.35 22.42
N TYR A 102 -7.24 28.57 21.67
CA TYR A 102 -7.69 28.06 20.39
C TYR A 102 -7.58 26.56 20.14
N TYR A 103 -7.52 25.76 21.20
CA TYR A 103 -7.48 24.30 21.10
C TYR A 103 -8.32 23.74 22.23
N ASP A 104 -8.91 22.57 22.02
CA ASP A 104 -9.69 21.91 23.06
C ASP A 104 -8.80 20.75 23.52
N PHE A 105 -8.87 20.43 24.80
CA PHE A 105 -8.09 19.34 25.37
C PHE A 105 -9.15 18.39 25.90
N ILE A 106 -9.37 17.29 25.19
CA ILE A 106 -10.41 16.36 25.55
C ILE A 106 -9.94 14.97 25.99
N SER A 107 -10.49 14.52 27.11
CA SER A 107 -10.14 13.22 27.68
C SER A 107 -10.82 12.04 27.01
N VAL A 108 -10.05 10.99 26.79
CA VAL A 108 -10.57 9.76 26.18
C VAL A 108 -10.52 8.65 27.23
N GLY A 109 -9.86 8.93 28.36
CA GLY A 109 -9.77 7.94 29.42
C GLY A 109 -8.35 7.54 29.72
N ARG A 110 -8.19 6.39 30.37
CA ARG A 110 -6.90 5.86 30.73
C ARG A 110 -6.73 4.51 30.06
N THR A 111 -5.50 4.15 29.72
CA THR A 111 -5.23 2.87 29.09
C THR A 111 -3.77 2.52 29.24
N ARG A 112 -3.43 1.26 29.01
CA ARG A 112 -2.06 0.80 29.18
C ARG A 112 -1.19 0.88 27.94
N ILE A 113 -0.03 1.50 28.09
CA ILE A 113 0.97 1.64 27.02
C ILE A 113 2.32 1.45 27.67
N ALA A 114 3.14 0.59 27.06
CA ALA A 114 4.49 0.33 27.58
C ALA A 114 4.47 -0.15 29.03
N ASP A 115 3.44 -0.92 29.38
CA ASP A 115 3.29 -1.47 30.73
C ASP A 115 3.09 -0.35 31.73
N ARG A 116 2.42 0.71 31.31
CA ARG A 116 2.15 1.85 32.19
C ARG A 116 0.71 2.30 31.99
N LEU A 117 0.12 2.83 33.06
CA LEU A 117 -1.26 3.33 32.97
C LEU A 117 -1.14 4.75 32.47
N CYS A 118 -1.76 5.05 31.34
CA CYS A 118 -1.67 6.39 30.77
C CYS A 118 -2.98 7.16 30.67
N GLU A 119 -2.88 8.48 30.77
CA GLU A 119 -4.03 9.37 30.60
C GLU A 119 -4.03 9.58 29.09
N VAL A 120 -5.18 9.33 28.45
CA VAL A 120 -5.32 9.51 27.01
C VAL A 120 -6.02 10.83 26.68
N ILE A 121 -5.28 11.76 26.06
CA ILE A 121 -5.83 13.08 25.74
C ILE A 121 -5.72 13.50 24.27
N ARG A 122 -6.76 14.15 23.75
CA ARG A 122 -6.78 14.64 22.37
C ARG A 122 -6.51 16.15 22.34
N VAL A 123 -5.76 16.59 21.34
CA VAL A 123 -5.44 18.01 21.19
C VAL A 123 -5.91 18.38 19.78
N VAL A 124 -7.03 19.11 19.71
CA VAL A 124 -7.57 19.49 18.42
C VAL A 124 -7.93 20.97 18.30
N ALA A 125 -7.48 21.61 17.23
CA ALA A 125 -7.77 23.02 17.00
C ALA A 125 -9.29 23.26 17.10
N ARG A 126 -9.65 24.47 17.53
CA ARG A 126 -11.06 24.79 17.69
C ARG A 126 -11.75 25.12 16.36
N ASP A 127 -11.06 25.81 15.47
CA ASP A 127 -11.63 26.17 14.18
C ASP A 127 -11.47 25.07 13.13
N GLY A 128 -11.37 23.82 13.58
CA GLY A 128 -11.23 22.65 12.69
C GLY A 128 -10.38 22.82 11.44
N THR A 129 -9.33 23.63 11.53
CA THR A 129 -8.47 23.85 10.37
C THR A 129 -7.16 23.06 10.40
N ARG A 130 -6.87 22.35 11.48
CA ARG A 130 -5.60 21.62 11.55
C ARG A 130 -5.62 20.14 11.85
N TYR A 131 -4.43 19.55 11.81
CA TYR A 131 -4.26 18.14 12.13
C TYR A 131 -4.43 18.05 13.63
N SER A 132 -4.82 16.90 14.15
CA SER A 132 -4.97 16.81 15.59
C SER A 132 -3.98 15.80 16.16
N TYR A 133 -3.91 15.81 17.48
CA TYR A 133 -3.03 14.92 18.21
C TYR A 133 -3.82 14.10 19.23
N ILE A 134 -3.32 12.91 19.52
CA ILE A 134 -3.88 12.04 20.55
C ILE A 134 -2.61 11.73 21.33
N VAL A 135 -2.62 11.94 22.64
CA VAL A 135 -1.44 11.65 23.43
C VAL A 135 -1.69 10.75 24.62
N TRP A 136 -0.80 9.79 24.81
CA TRP A 136 -0.86 8.85 25.91
C TRP A 136 0.31 9.24 26.82
N MET A 137 0.03 9.60 28.07
CA MET A 137 1.08 9.98 29.00
C MET A 137 1.08 9.15 30.28
N ASP A 138 2.27 8.91 30.79
CA ASP A 138 2.47 8.12 31.99
C ASP A 138 1.92 8.84 33.23
N THR A 139 0.97 8.21 33.91
CA THR A 139 0.37 8.82 35.10
C THR A 139 1.38 9.08 36.20
N GLU A 140 2.44 8.30 36.24
CA GLU A 140 3.45 8.52 37.28
C GLU A 140 4.47 9.58 36.89
N SER A 141 5.29 9.27 35.89
CA SER A 141 6.33 10.20 35.44
C SER A 141 5.77 11.36 34.62
N LYS A 142 4.60 11.18 34.02
CA LYS A 142 3.97 12.21 33.18
C LYS A 142 4.64 12.33 31.81
N LEU A 143 5.55 11.39 31.50
CA LEU A 143 6.25 11.39 30.23
C LEU A 143 5.38 10.77 29.14
N PRO A 144 5.51 11.26 27.89
CA PRO A 144 4.72 10.75 26.75
C PRO A 144 5.14 9.34 26.38
N MET A 145 4.17 8.44 26.23
CA MET A 145 4.46 7.05 25.91
C MET A 145 4.07 6.77 24.48
N ARG A 146 3.08 7.50 24.00
CA ARG A 146 2.64 7.34 22.64
C ARG A 146 2.03 8.66 22.19
N VAL A 147 2.24 8.99 20.93
CA VAL A 147 1.69 10.21 20.35
C VAL A 147 1.36 9.94 18.90
N ASP A 148 0.08 10.14 18.56
CA ASP A 148 -0.40 9.94 17.20
C ASP A 148 -0.80 11.29 16.61
N LEU A 149 -0.27 11.60 15.41
CA LEU A 149 -0.63 12.83 14.67
C LEU A 149 -1.70 12.36 13.67
N LEU A 150 -2.91 12.89 13.77
CA LEU A 150 -3.97 12.44 12.86
C LEU A 150 -4.41 13.50 11.86
N ASP A 151 -4.67 13.10 10.61
CA ASP A 151 -5.14 14.05 9.62
C ASP A 151 -6.63 14.27 9.87
N ARG A 152 -7.23 15.24 9.19
CA ARG A 152 -8.63 15.55 9.42
C ARG A 152 -9.68 14.45 9.22
N ASP A 153 -9.33 13.30 8.65
CA ASP A 153 -10.32 12.25 8.49
C ASP A 153 -10.04 11.05 9.37
N GLY A 154 -9.37 11.30 10.50
CA GLY A 154 -9.05 10.25 11.47
C GLY A 154 -7.89 9.33 11.16
N GLU A 155 -7.29 9.48 9.99
CA GLU A 155 -6.17 8.66 9.59
C GLU A 155 -4.87 9.15 10.26
N THR A 156 -4.00 8.21 10.59
CA THR A 156 -2.74 8.51 11.24
C THR A 156 -1.65 8.87 10.25
N LEU A 157 -1.03 10.03 10.48
CA LEU A 157 0.05 10.50 9.63
C LEU A 157 1.35 10.02 10.22
N GLU A 158 1.43 10.03 11.55
CA GLU A 158 2.65 9.65 12.23
C GLU A 158 2.41 9.23 13.68
N GLN A 159 3.22 8.28 14.14
CA GLN A 159 3.09 7.78 15.50
C GLN A 159 4.42 7.69 16.19
N PHE A 160 4.44 8.21 17.42
CA PHE A 160 5.62 8.18 18.28
C PHE A 160 5.26 7.09 19.31
N ARG A 161 6.12 6.10 19.53
CA ARG A 161 5.80 5.05 20.49
C ARG A 161 6.99 4.57 21.32
N VAL A 162 6.86 4.74 22.63
CA VAL A 162 7.89 4.30 23.54
C VAL A 162 7.81 2.79 23.72
N ILE A 163 8.95 2.14 23.56
CA ILE A 163 9.05 0.70 23.69
C ILE A 163 9.68 0.40 25.04
N ALA A 164 10.57 1.27 25.50
CA ALA A 164 11.21 1.13 26.80
C ALA A 164 11.76 2.47 27.27
N PHE A 165 11.80 2.66 28.58
CA PHE A 165 12.35 3.90 29.14
C PHE A 165 12.62 3.74 30.63
N ASN A 166 13.23 4.76 31.21
CA ASN A 166 13.50 4.78 32.63
C ASN A 166 13.72 6.23 33.01
N VAL A 167 13.49 6.53 34.27
CA VAL A 167 13.68 7.87 34.82
C VAL A 167 14.75 7.69 35.89
N ASN A 168 15.79 8.51 35.83
CA ASN A 168 16.88 8.43 36.80
C ASN A 168 16.84 9.64 37.72
N GLN A 169 17.07 9.41 39.01
CA GLN A 169 17.09 10.50 39.97
C GLN A 169 18.36 11.32 39.76
N ASP A 170 19.44 10.65 39.40
CA ASP A 170 20.70 11.35 39.17
C ASP A 170 21.23 11.11 37.76
N ILE A 171 22.03 12.08 37.28
CA ILE A 171 22.60 12.05 35.94
C ILE A 171 23.53 10.89 35.62
N SER A 172 23.32 10.30 34.44
CA SER A 172 24.15 9.21 33.96
C SER A 172 25.51 9.78 33.59
N SER A 173 26.48 8.91 33.38
CA SER A 173 27.83 9.32 33.02
C SER A 173 27.94 9.77 31.58
N SER A 174 27.08 9.20 30.72
CA SER A 174 27.06 9.53 29.29
C SER A 174 26.62 10.97 29.00
N MET A 175 25.81 11.53 29.89
CA MET A 175 25.34 12.89 29.72
C MET A 175 26.38 13.81 30.34
N GLN A 176 27.02 13.30 31.39
CA GLN A 176 28.05 14.03 32.11
C GLN A 176 29.21 14.37 31.16
N THR A 177 29.53 13.43 30.29
CA THR A 177 30.59 13.61 29.30
C THR A 177 30.14 14.60 28.24
N LEU A 178 28.84 14.62 27.97
CA LEU A 178 28.29 15.53 26.97
C LEU A 178 28.61 16.96 27.38
N ALA A 179 28.46 17.26 28.66
CA ALA A 179 28.75 18.59 29.15
C ALA A 179 30.22 18.96 28.87
N LYS A 180 31.11 17.98 28.97
CA LYS A 180 32.54 18.22 28.72
C LYS A 180 32.87 18.13 27.24
N ALA A 181 32.00 17.48 26.47
CA ALA A 181 32.23 17.30 25.05
C ALA A 181 32.80 18.53 24.34
N ASN A 182 33.72 18.27 23.42
CA ASN A 182 34.33 19.31 22.61
C ASN A 182 33.39 19.38 21.43
N LEU A 183 32.31 20.15 21.57
CA LEU A 183 31.32 20.26 20.52
C LEU A 183 31.68 21.22 19.39
N PRO A 184 31.22 20.90 18.17
CA PRO A 184 31.49 21.73 16.99
C PRO A 184 31.07 23.18 17.17
N PRO A 185 31.80 24.08 16.49
CA PRO A 185 31.56 25.52 16.52
C PRO A 185 30.18 25.97 16.06
N LEU A 186 29.66 26.96 16.77
CA LEU A 186 28.37 27.56 16.48
C LEU A 186 28.44 28.24 15.12
N LEU A 187 27.46 27.96 14.27
CA LEU A 187 27.41 28.59 12.96
C LEU A 187 26.54 29.82 13.07
N SER A 188 26.80 30.81 12.23
CA SER A 188 26.01 32.03 12.23
C SER A 188 25.04 32.01 11.04
N VAL A 189 23.78 32.32 11.32
CA VAL A 189 22.73 32.37 10.32
C VAL A 189 21.83 33.51 10.76
N PRO A 190 21.44 34.39 9.83
CA PRO A 190 20.58 35.50 10.21
C PRO A 190 19.32 35.02 10.92
N VAL A 191 19.07 35.59 12.09
CA VAL A 191 17.91 35.23 12.89
C VAL A 191 17.30 36.47 13.54
N GLY A 192 16.06 36.77 13.18
CA GLY A 192 15.40 37.92 13.74
C GLY A 192 14.98 38.93 12.69
N GLU A 193 15.07 38.54 11.42
CA GLU A 193 14.67 39.44 10.34
C GLU A 193 13.17 39.61 10.44
N LYS A 194 12.72 40.87 10.40
CA LYS A 194 11.29 41.16 10.46
C LYS A 194 10.96 41.94 9.20
N ALA A 195 11.26 41.31 8.07
CA ALA A 195 11.05 41.88 6.74
C ALA A 195 9.68 42.48 6.46
N LYS A 196 9.70 43.46 5.57
CA LYS A 196 8.53 44.22 5.15
C LYS A 196 8.12 43.75 3.76
N PHE A 197 6.88 43.32 3.61
CA PHE A 197 6.38 42.85 2.32
C PHE A 197 5.05 43.51 1.98
N SER A 198 4.80 43.71 0.69
CA SER A 198 3.56 44.35 0.24
C SER A 198 2.38 43.39 0.16
N TRP A 199 2.64 42.08 0.22
CA TRP A 199 1.55 41.10 0.17
C TRP A 199 1.23 40.64 1.59
N THR A 200 -0.05 40.44 1.88
CA THR A 200 -0.45 40.03 3.21
C THR A 200 -1.52 38.94 3.27
N PRO A 201 -1.30 37.93 4.13
CA PRO A 201 -2.22 36.80 4.31
C PRO A 201 -3.49 37.25 5.02
N THR A 202 -4.51 37.59 4.24
CA THR A 202 -5.78 38.05 4.78
C THR A 202 -6.44 37.06 5.76
N TRP A 203 -6.33 35.77 5.48
CA TRP A 203 -6.93 34.78 6.35
C TRP A 203 -5.89 33.82 6.90
N LEU A 204 -6.00 33.49 8.17
CA LEU A 204 -5.08 32.57 8.84
C LEU A 204 -5.89 31.86 9.90
N PRO A 205 -5.66 30.55 10.10
CA PRO A 205 -6.47 29.90 11.15
C PRO A 205 -6.25 30.55 12.52
N GLN A 206 -7.22 30.43 13.41
CA GLN A 206 -7.15 31.04 14.74
C GLN A 206 -6.03 30.55 15.65
N GLY A 207 -5.02 31.40 15.85
CA GLY A 207 -3.92 31.04 16.72
C GLY A 207 -2.56 31.28 16.12
N PHE A 208 -2.48 31.35 14.80
CA PHE A 208 -1.19 31.58 14.16
C PHE A 208 -0.74 33.04 14.24
N SER A 209 0.57 33.23 14.16
CA SER A 209 1.18 34.54 14.18
C SER A 209 2.53 34.40 13.48
N GLU A 210 3.06 35.51 12.97
CA GLU A 210 4.34 35.47 12.28
C GLU A 210 5.49 35.42 13.28
N VAL A 211 6.45 34.53 13.06
CA VAL A 211 7.58 34.38 13.97
C VAL A 211 8.85 34.68 13.20
N SER A 212 8.68 35.09 11.96
CA SER A 212 9.81 35.44 11.12
C SER A 212 9.32 35.95 9.76
N SER A 213 10.12 36.81 9.15
CA SER A 213 9.79 37.41 7.86
C SER A 213 11.11 37.67 7.15
N SER A 214 11.39 36.93 6.09
CA SER A 214 12.65 37.09 5.38
C SER A 214 12.52 37.15 3.87
N ARG A 215 13.54 37.72 3.22
CA ARG A 215 13.58 37.82 1.76
C ARG A 215 14.74 36.96 1.27
N ARG A 216 14.77 35.74 1.79
CA ARG A 216 15.80 34.75 1.47
C ARG A 216 15.63 34.16 0.07
N MET A 224 16.61 34.88 -8.35
CA MET A 224 15.93 33.79 -7.64
C MET A 224 15.50 34.25 -6.26
N PRO A 225 14.74 35.35 -6.17
CA PRO A 225 14.27 35.88 -4.88
C PRO A 225 12.98 35.26 -4.33
N ILE A 226 13.02 34.88 -3.06
CA ILE A 226 11.86 34.31 -2.40
C ILE A 226 11.57 35.09 -1.12
N GLU A 227 10.32 35.50 -0.95
CA GLU A 227 9.87 36.25 0.20
C GLU A 227 9.07 35.35 1.14
N SER A 228 9.76 34.77 2.13
CA SER A 228 9.13 33.86 3.08
C SER A 228 8.63 34.45 4.39
N ARG A 229 7.44 34.03 4.81
CA ARG A 229 6.84 34.48 6.06
C ARG A 229 6.40 33.27 6.89
N LEU A 230 7.20 32.94 7.90
CA LEU A 230 6.97 31.80 8.78
C LEU A 230 5.92 32.05 9.86
N TYR A 231 5.02 31.08 10.03
CA TYR A 231 3.98 31.18 11.04
C TYR A 231 3.97 29.97 11.95
N SER A 232 3.38 30.14 13.12
CA SER A 232 3.27 29.07 14.09
C SER A 232 2.17 29.41 15.06
N ASP A 233 1.40 28.40 15.46
CA ASP A 233 0.33 28.63 16.42
C ASP A 233 0.81 28.09 17.77
N GLY A 234 2.10 27.78 17.83
CA GLY A 234 2.68 27.25 19.05
C GLY A 234 2.85 25.75 18.95
N LEU A 235 2.15 25.12 18.00
CA LEU A 235 2.23 23.68 17.82
C LEU A 235 2.65 23.35 16.38
N PHE A 236 1.89 23.90 15.45
CA PHE A 236 2.15 23.68 14.05
C PHE A 236 2.79 24.92 13.44
N SER A 237 3.57 24.71 12.39
CA SER A 237 4.21 25.83 11.72
C SER A 237 4.17 25.63 10.19
N PHE A 238 4.30 26.72 9.44
CA PHE A 238 4.30 26.68 7.99
C PHE A 238 4.77 28.03 7.48
N SER A 239 5.31 28.03 6.26
CA SER A 239 5.79 29.27 5.66
C SER A 239 4.98 29.63 4.42
N VAL A 240 4.78 30.93 4.21
CA VAL A 240 4.05 31.43 3.05
C VAL A 240 5.10 32.08 2.17
N ASN A 241 5.38 31.46 1.02
CA ASN A 241 6.39 31.97 0.12
C ASN A 241 5.85 32.56 -1.18
N VAL A 242 6.37 33.73 -1.53
CA VAL A 242 5.96 34.41 -2.76
C VAL A 242 7.16 34.83 -3.60
N ASN A 243 7.09 34.50 -4.88
CA ASN A 243 8.11 34.88 -5.86
C ASN A 243 7.35 35.15 -7.15
N ARG A 244 7.98 35.84 -8.10
CA ARG A 244 7.29 36.16 -9.35
C ARG A 244 7.02 34.92 -10.20
N ALA A 245 5.75 34.74 -10.56
CA ALA A 245 5.33 33.61 -11.38
C ALA A 245 6.13 33.58 -12.66
N THR A 246 6.29 32.40 -13.24
CA THR A 246 7.05 32.26 -14.48
C THR A 246 6.18 31.69 -15.61
N PRO A 247 6.77 31.56 -16.82
CA PRO A 247 6.03 31.03 -17.98
C PRO A 247 5.35 29.69 -17.75
N SER A 248 6.06 28.75 -17.13
CA SER A 248 5.51 27.44 -16.89
C SER A 248 5.27 27.03 -15.42
N SER A 249 4.62 27.91 -14.66
CA SER A 249 4.30 27.61 -13.27
C SER A 249 2.94 26.93 -13.30
N THR A 250 2.53 26.33 -12.19
CA THR A 250 1.24 25.65 -12.12
C THR A 250 0.77 25.42 -10.70
N ASP A 251 -0.55 25.37 -10.51
CA ASP A 251 -1.09 25.11 -9.19
C ASP A 251 -0.61 23.72 -8.82
N GLN A 252 -0.24 23.53 -7.56
CA GLN A 252 0.24 22.24 -7.11
C GLN A 252 -0.19 21.93 -5.70
N MET A 253 -0.30 20.63 -5.43
CA MET A 253 -0.69 20.15 -4.12
C MET A 253 0.02 18.82 -3.87
N LEU A 254 1.16 18.90 -3.18
CA LEU A 254 1.94 17.71 -2.85
C LEU A 254 1.83 17.46 -1.35
N ARG A 255 1.93 16.20 -0.95
CA ARG A 255 1.83 15.85 0.46
C ARG A 255 2.90 14.82 0.83
N THR A 256 3.83 15.21 1.70
CA THR A 256 4.89 14.30 2.14
C THR A 256 4.67 13.95 3.61
N GLY A 257 3.68 13.10 3.88
CA GLY A 257 3.39 12.71 5.24
C GLY A 257 2.63 13.81 5.94
N ARG A 258 3.33 14.55 6.81
CA ARG A 258 2.68 15.64 7.53
C ARG A 258 2.96 16.98 6.88
N ARG A 259 3.97 17.03 6.01
CA ARG A 259 4.30 18.29 5.36
C ARG A 259 3.58 18.48 4.04
N THR A 260 2.90 19.61 3.93
CA THR A 260 2.15 19.95 2.75
C THR A 260 2.89 21.01 1.94
N VAL A 261 2.65 20.98 0.63
CA VAL A 261 3.24 21.95 -0.28
C VAL A 261 2.15 22.31 -1.28
N SER A 262 1.64 23.52 -1.16
CA SER A 262 0.59 23.99 -2.04
C SER A 262 1.01 25.22 -2.82
N THR A 263 1.19 25.05 -4.14
CA THR A 263 1.59 26.15 -5.01
C THR A 263 0.37 26.75 -5.70
N SER A 264 0.10 28.01 -5.40
CA SER A 264 -1.05 28.70 -5.98
C SER A 264 -0.56 29.88 -6.83
N VAL A 265 -0.97 29.94 -8.09
CA VAL A 265 -0.54 31.01 -8.99
C VAL A 265 -1.64 32.04 -9.25
N ARG A 266 -1.36 33.31 -8.89
CA ARG A 266 -2.32 34.38 -9.12
C ARG A 266 -1.64 35.73 -9.27
N ASP A 267 -2.18 36.54 -10.19
CA ASP A 267 -1.66 37.87 -10.48
C ASP A 267 -0.16 37.90 -10.74
N ASN A 268 0.32 36.95 -11.54
CA ASN A 268 1.73 36.86 -11.91
C ASN A 268 2.65 36.52 -10.74
N ALA A 269 2.05 36.11 -9.61
CA ALA A 269 2.84 35.74 -8.44
C ALA A 269 2.70 34.26 -8.15
N GLU A 270 3.81 33.61 -7.82
CA GLU A 270 3.82 32.19 -7.51
C GLU A 270 3.77 32.00 -5.99
N ILE A 271 2.60 31.68 -5.46
CA ILE A 271 2.42 31.48 -4.03
C ILE A 271 2.65 30.02 -3.64
N THR A 272 3.37 29.81 -2.55
CA THR A 272 3.62 28.46 -2.07
C THR A 272 3.54 28.39 -0.56
N ILE A 273 2.71 27.47 -0.07
CA ILE A 273 2.55 27.26 1.36
C ILE A 273 3.27 25.95 1.66
N VAL A 274 4.09 25.94 2.70
CA VAL A 274 4.83 24.74 3.09
C VAL A 274 4.76 24.50 4.60
N GLY A 275 4.28 23.33 5.01
CA GLY A 275 4.20 23.07 6.43
C GLY A 275 3.21 22.01 6.89
N GLU A 276 2.96 22.02 8.19
CA GLU A 276 2.08 21.06 8.84
C GLU A 276 0.61 21.48 8.81
N LEU A 277 0.01 21.46 7.62
CA LEU A 277 -1.39 21.85 7.48
C LEU A 277 -2.18 21.00 6.50
N PRO A 278 -3.47 20.83 6.75
CA PRO A 278 -4.30 20.05 5.83
C PRO A 278 -4.17 20.77 4.47
N PRO A 279 -4.17 20.03 3.35
CA PRO A 279 -4.05 20.73 2.06
C PRO A 279 -5.08 21.85 1.87
N GLN A 280 -6.34 21.60 2.23
CA GLN A 280 -7.38 22.61 2.08
C GLN A 280 -7.08 23.92 2.84
N THR A 281 -6.53 23.80 4.04
CA THR A 281 -6.22 25.00 4.83
C THR A 281 -5.10 25.78 4.15
N ALA A 282 -4.13 25.06 3.64
CA ALA A 282 -3.00 25.68 2.98
C ALA A 282 -3.44 26.45 1.73
N LYS A 283 -4.38 25.91 0.97
CA LYS A 283 -4.84 26.58 -0.23
C LYS A 283 -5.71 27.78 0.10
N ARG A 284 -6.62 27.62 1.07
CA ARG A 284 -7.47 28.73 1.44
C ARG A 284 -6.60 29.90 1.87
N ILE A 285 -5.48 29.60 2.52
CA ILE A 285 -4.58 30.66 2.96
C ILE A 285 -3.88 31.30 1.75
N ALA A 286 -3.53 30.48 0.77
CA ALA A 286 -2.85 30.98 -0.41
C ALA A 286 -3.71 31.91 -1.27
N GLU A 287 -5.02 31.62 -1.35
CA GLU A 287 -5.90 32.46 -2.16
C GLU A 287 -6.47 33.66 -1.42
N ASN A 288 -5.95 33.94 -0.23
CA ASN A 288 -6.40 35.08 0.53
C ASN A 288 -5.27 36.05 0.80
N ILE A 289 -4.16 35.85 0.11
CA ILE A 289 -3.03 36.74 0.22
C ILE A 289 -3.38 37.90 -0.70
N LYS A 290 -3.29 39.13 -0.20
CA LYS A 290 -3.60 40.32 -1.00
C LYS A 290 -2.28 40.96 -1.42
N PHE A 291 -2.06 41.09 -2.73
CA PHE A 291 -0.83 41.71 -3.21
C PHE A 291 -1.04 43.21 -3.36
N GLY A 292 -0.02 43.99 -3.01
CA GLY A 292 -0.11 45.43 -3.12
C GLY A 292 -1.27 46.04 -2.34
N PRO B 2 -4.22 -30.44 -22.84
CA PRO B 2 -4.49 -31.28 -24.03
C PRO B 2 -5.28 -30.41 -25.00
N ALA B 3 -6.57 -30.24 -24.69
CA ALA B 3 -7.45 -29.42 -25.49
C ALA B 3 -7.09 -27.97 -25.14
N SER B 4 -6.64 -27.78 -23.91
CA SER B 4 -6.25 -26.46 -23.40
C SER B 4 -5.22 -25.85 -24.32
N GLY B 5 -4.31 -26.68 -24.79
CA GLY B 5 -3.25 -26.23 -25.68
C GLY B 5 -3.79 -25.87 -27.06
N ALA B 6 -4.84 -26.55 -27.49
CA ALA B 6 -5.44 -26.27 -28.79
C ALA B 6 -6.10 -24.90 -28.69
N LEU B 7 -6.87 -24.70 -27.62
CA LEU B 7 -7.54 -23.43 -27.38
C LEU B 7 -6.54 -22.24 -27.39
N LEU B 8 -5.42 -22.40 -26.69
CA LEU B 8 -4.41 -21.34 -26.63
C LEU B 8 -3.83 -21.06 -28.01
N GLN B 9 -3.71 -22.09 -28.84
CA GLN B 9 -3.19 -21.93 -30.20
C GLN B 9 -4.21 -21.17 -31.03
N GLN B 10 -5.49 -21.45 -30.78
CA GLN B 10 -6.57 -20.77 -31.49
C GLN B 10 -6.67 -19.29 -31.10
N MET B 11 -6.46 -19.00 -29.82
CA MET B 11 -6.51 -17.61 -29.33
C MET B 11 -5.40 -16.83 -30.01
N ASN B 12 -4.24 -17.44 -30.13
CA ASN B 12 -3.12 -16.78 -30.78
C ASN B 12 -3.43 -16.58 -32.25
N LEU B 13 -4.05 -17.59 -32.85
CA LEU B 13 -4.41 -17.56 -34.27
C LEU B 13 -5.38 -16.40 -34.52
N ALA B 14 -6.46 -16.37 -33.76
CA ALA B 14 -7.45 -15.31 -33.92
C ALA B 14 -6.80 -13.92 -33.85
N SER B 15 -5.85 -13.75 -32.92
CA SER B 15 -5.18 -12.46 -32.74
C SER B 15 -4.37 -12.01 -33.95
N GLN B 16 -3.96 -12.96 -34.79
CA GLN B 16 -3.21 -12.63 -35.98
C GLN B 16 -4.09 -12.65 -37.21
N SER B 17 -5.26 -13.29 -37.10
CA SER B 17 -6.16 -13.44 -38.25
C SER B 17 -7.33 -12.46 -38.39
N LEU B 18 -8.02 -12.21 -37.29
CA LEU B 18 -9.18 -11.35 -37.30
C LEU B 18 -8.89 -9.85 -37.36
N ASN B 19 -9.91 -9.08 -37.76
CA ASN B 19 -9.82 -7.64 -37.78
C ASN B 19 -10.59 -7.30 -36.52
N TYR B 20 -9.99 -6.53 -35.61
CA TYR B 20 -10.72 -6.23 -34.39
C TYR B 20 -10.18 -5.03 -33.63
N GLU B 21 -10.92 -4.64 -32.59
CA GLU B 21 -10.56 -3.51 -31.76
C GLU B 21 -10.80 -3.87 -30.31
N LEU B 22 -9.74 -3.77 -29.52
CA LEU B 22 -9.83 -4.05 -28.09
C LEU B 22 -9.61 -2.73 -27.33
N SER B 23 -10.55 -2.41 -26.43
CA SER B 23 -10.46 -1.22 -25.59
C SER B 23 -10.27 -1.84 -24.24
N PHE B 24 -9.09 -1.66 -23.68
CA PHE B 24 -8.79 -2.32 -22.42
C PHE B 24 -8.04 -1.47 -21.44
N ILE B 25 -7.81 -2.04 -20.26
CA ILE B 25 -7.04 -1.38 -19.23
C ILE B 25 -5.89 -2.32 -18.84
N SER B 26 -4.78 -1.71 -18.45
CA SER B 26 -3.60 -2.45 -18.01
C SER B 26 -3.47 -1.99 -16.56
N ILE B 27 -3.50 -2.95 -15.63
CA ILE B 27 -3.41 -2.69 -14.21
C ILE B 27 -2.14 -3.28 -13.60
N ASN B 28 -1.40 -2.47 -12.85
CA ASN B 28 -0.19 -2.91 -12.17
C ASN B 28 0.03 -1.99 -10.98
N LYS B 29 1.04 -2.30 -10.16
CA LYS B 29 1.34 -1.50 -8.97
C LYS B 29 1.44 0.01 -9.23
N GLN B 30 1.66 0.43 -10.47
CA GLN B 30 1.75 1.86 -10.71
C GLN B 30 0.49 2.50 -11.30
N GLY B 31 -0.64 1.79 -11.25
CA GLY B 31 -1.87 2.36 -11.77
C GLY B 31 -2.71 1.61 -12.79
N VAL B 32 -3.70 2.31 -13.33
CA VAL B 32 -4.65 1.78 -14.31
C VAL B 32 -4.62 2.67 -15.54
N GLU B 33 -4.06 2.12 -16.60
CA GLU B 33 -3.89 2.82 -17.86
C GLU B 33 -4.94 2.42 -18.90
N SER B 34 -5.53 3.40 -19.56
CA SER B 34 -6.53 3.14 -20.60
C SER B 34 -5.78 2.96 -21.91
N LEU B 35 -6.07 1.88 -22.62
CA LEU B 35 -5.39 1.56 -23.88
C LEU B 35 -6.34 1.02 -24.96
N ARG B 36 -5.93 1.12 -26.22
CA ARG B 36 -6.75 0.61 -27.32
C ARG B 36 -5.89 -0.10 -28.36
N TYR B 37 -6.30 -1.29 -28.77
CA TYR B 37 -5.52 -2.02 -29.76
C TYR B 37 -6.38 -2.39 -30.96
N ARG B 38 -5.95 -1.98 -32.14
CA ARG B 38 -6.68 -2.27 -33.36
C ARG B 38 -5.79 -3.16 -34.19
N HIS B 39 -6.38 -4.22 -34.74
CA HIS B 39 -5.61 -5.14 -35.57
C HIS B 39 -6.40 -5.56 -36.80
N ALA B 40 -5.69 -5.70 -37.92
CA ALA B 40 -6.31 -6.10 -39.16
C ALA B 40 -5.30 -6.74 -40.09
N ARG B 41 -5.81 -7.36 -41.15
CA ARG B 41 -4.96 -7.98 -42.17
C ARG B 41 -5.37 -7.35 -43.49
N LEU B 42 -4.38 -7.09 -44.34
CA LEU B 42 -4.65 -6.47 -45.63
C LEU B 42 -3.46 -6.75 -46.55
N ASP B 43 -3.75 -7.18 -47.76
CA ASP B 43 -2.71 -7.49 -48.74
C ASP B 43 -1.72 -8.52 -48.18
N ASN B 44 -2.24 -9.45 -47.40
CA ASN B 44 -1.42 -10.52 -46.83
C ASN B 44 -0.47 -10.08 -45.70
N ARG B 45 -0.73 -8.91 -45.10
CA ARG B 45 0.15 -8.47 -44.03
C ARG B 45 -0.59 -7.83 -42.86
N PRO B 46 -0.04 -7.98 -41.64
CA PRO B 46 -0.61 -7.43 -40.40
C PRO B 46 -0.64 -5.90 -40.35
N LEU B 47 -1.69 -5.36 -39.76
CA LEU B 47 -1.85 -3.93 -39.56
C LEU B 47 -2.30 -3.82 -38.10
N ALA B 48 -1.75 -2.87 -37.36
CA ALA B 48 -2.14 -2.72 -35.97
C ALA B 48 -1.73 -1.38 -35.36
N GLN B 49 -2.50 -0.94 -34.37
CA GLN B 49 -2.22 0.30 -33.66
C GLN B 49 -2.48 0.12 -32.17
N LEU B 50 -1.53 0.52 -31.34
CA LEU B 50 -1.70 0.50 -29.88
C LEU B 50 -1.72 1.98 -29.54
N LEU B 51 -2.85 2.44 -29.01
CA LEU B 51 -3.02 3.84 -28.70
C LEU B 51 -3.21 4.08 -27.21
N GLN B 52 -2.47 5.05 -26.66
CA GLN B 52 -2.63 5.43 -25.25
C GLN B 52 -3.80 6.40 -25.26
N MET B 53 -4.86 6.05 -24.55
CA MET B 53 -6.07 6.88 -24.54
C MET B 53 -6.11 8.16 -23.75
N ASP B 54 -5.37 8.23 -22.64
CA ASP B 54 -5.38 9.45 -21.83
C ASP B 54 -4.01 10.14 -21.86
N GLY B 55 -4.03 11.45 -21.65
CA GLY B 55 -2.81 12.22 -21.64
C GLY B 55 -2.09 12.28 -22.97
N PRO B 56 -0.75 12.20 -22.95
CA PRO B 56 0.06 12.24 -24.18
C PRO B 56 -0.41 11.17 -25.12
N ARG B 57 -0.51 11.52 -26.40
CA ARG B 57 -0.94 10.58 -27.42
C ARG B 57 0.21 9.69 -27.87
N ARG B 58 0.66 8.79 -27.01
CA ARG B 58 1.71 7.88 -27.41
C ARG B 58 1.01 6.80 -28.25
N GLU B 59 1.66 6.38 -29.32
CA GLU B 59 1.08 5.41 -30.21
C GLU B 59 2.18 4.57 -30.85
N VAL B 60 1.83 3.35 -31.17
CA VAL B 60 2.74 2.43 -31.82
C VAL B 60 1.96 1.74 -32.93
N VAL B 61 2.52 1.70 -34.13
CA VAL B 61 1.82 1.05 -35.23
C VAL B 61 2.66 -0.01 -35.91
N GLN B 62 1.97 -0.99 -36.47
CA GLN B 62 2.62 -2.07 -37.18
C GLN B 62 2.12 -2.16 -38.61
N ARG B 63 3.07 -2.28 -39.55
CA ARG B 63 2.76 -2.45 -40.97
C ARG B 63 3.70 -3.59 -41.37
N GLY B 64 3.16 -4.80 -41.48
CA GLY B 64 4.04 -5.90 -41.85
C GLY B 64 5.03 -6.07 -40.71
N ASN B 65 6.32 -6.26 -41.01
CA ASN B 65 7.30 -6.44 -39.94
C ASN B 65 7.97 -5.14 -39.51
N GLU B 66 7.26 -4.03 -39.69
CA GLU B 66 7.81 -2.72 -39.30
C GLU B 66 6.95 -2.08 -38.21
N ILE B 67 7.61 -1.76 -37.10
CA ILE B 67 6.98 -1.17 -35.92
C ILE B 67 7.46 0.26 -35.75
N SER B 68 6.56 1.23 -35.88
CA SER B 68 6.93 2.63 -35.71
C SER B 68 6.38 3.12 -34.38
N TYR B 69 7.17 3.97 -33.71
CA TYR B 69 6.79 4.53 -32.41
C TYR B 69 6.62 6.05 -32.49
N PHE B 70 5.48 6.53 -32.01
CA PHE B 70 5.20 7.96 -32.00
C PHE B 70 4.87 8.40 -30.58
N GLU B 71 5.31 9.62 -30.25
CA GLU B 71 5.07 10.22 -28.94
C GLU B 71 5.36 11.72 -29.07
N PRO B 72 4.57 12.57 -28.40
CA PRO B 72 4.83 14.00 -28.51
C PRO B 72 6.25 14.37 -28.10
N GLY B 73 6.87 15.27 -28.87
CA GLY B 73 8.21 15.72 -28.58
C GLY B 73 9.37 14.81 -28.94
N LEU B 74 9.13 13.80 -29.78
CA LEU B 74 10.21 12.90 -30.17
C LEU B 74 10.18 12.52 -31.65
N GLU B 75 11.37 12.29 -32.21
CA GLU B 75 11.49 11.88 -33.60
C GLU B 75 10.98 10.46 -33.67
N PRO B 76 9.82 10.24 -34.31
CA PRO B 76 9.38 8.84 -34.35
C PRO B 76 10.36 8.02 -35.15
N PHE B 77 10.55 6.77 -34.74
CA PHE B 77 11.46 5.88 -35.44
C PHE B 77 10.73 4.57 -35.72
N THR B 78 11.35 3.75 -36.56
CA THR B 78 10.78 2.46 -36.95
C THR B 78 11.80 1.34 -36.77
N LEU B 79 11.33 0.20 -36.26
CA LEU B 79 12.18 -0.98 -36.05
C LEU B 79 11.50 -2.14 -36.76
N ASN B 80 12.10 -3.31 -36.67
CA ASN B 80 11.50 -4.51 -37.25
C ASN B 80 11.00 -5.37 -36.10
N GLY B 81 9.96 -6.16 -36.35
CA GLY B 81 9.40 -7.03 -35.33
C GLY B 81 8.12 -7.62 -35.89
N ASP B 82 7.65 -8.75 -35.35
CA ASP B 82 6.44 -9.37 -35.87
C ASP B 82 5.19 -8.86 -35.17
N TYR B 83 5.38 -8.02 -34.16
CA TYR B 83 4.24 -7.49 -33.43
C TYR B 83 4.67 -6.40 -32.47
N ILE B 84 3.70 -5.66 -31.95
CA ILE B 84 3.97 -4.59 -31.02
C ILE B 84 4.10 -5.18 -29.61
N VAL B 85 5.29 -5.12 -29.04
CA VAL B 85 5.49 -5.64 -27.69
C VAL B 85 4.76 -4.73 -26.69
N ASP B 86 4.10 -5.35 -25.72
CA ASP B 86 3.33 -4.62 -24.69
C ASP B 86 2.02 -4.09 -25.22
N SER B 87 1.62 -4.53 -26.43
CA SER B 87 0.34 -4.11 -26.99
C SER B 87 -0.68 -5.01 -26.28
N LEU B 88 -0.30 -6.28 -26.16
CA LEU B 88 -1.10 -7.29 -25.49
C LEU B 88 -0.10 -8.05 -24.62
N PRO B 89 -0.58 -8.87 -23.68
CA PRO B 89 0.42 -9.60 -22.87
C PRO B 89 1.18 -10.52 -23.81
N SER B 90 2.47 -10.76 -23.53
CA SER B 90 3.29 -11.63 -24.37
C SER B 90 2.64 -12.98 -24.57
N LEU B 91 1.85 -13.41 -23.59
CA LEU B 91 1.14 -14.66 -23.64
C LEU B 91 0.39 -14.84 -24.95
N ILE B 92 -0.20 -13.75 -25.42
CA ILE B 92 -0.99 -13.76 -26.65
C ILE B 92 -0.20 -13.96 -27.95
N TYR B 93 1.09 -13.64 -27.95
CA TYR B 93 1.92 -13.80 -29.15
C TYR B 93 2.79 -15.05 -29.10
N THR B 94 2.51 -15.91 -28.13
CA THR B 94 3.25 -17.14 -27.89
C THR B 94 2.92 -18.32 -28.80
N ASP B 95 3.94 -19.11 -29.13
CA ASP B 95 3.76 -20.32 -29.93
C ASP B 95 3.60 -21.43 -28.89
N PHE B 96 2.35 -21.78 -28.59
CA PHE B 96 2.09 -22.78 -27.59
C PHE B 96 2.56 -24.19 -27.89
N LYS B 97 2.82 -24.50 -29.15
CA LYS B 97 3.34 -25.82 -29.49
C LYS B 97 4.77 -25.88 -28.99
N ARG B 98 5.51 -24.80 -29.21
CA ARG B 98 6.89 -24.71 -28.77
C ARG B 98 7.05 -24.81 -27.25
N LEU B 99 6.08 -24.26 -26.51
CA LEU B 99 6.11 -24.28 -25.04
C LEU B 99 5.65 -25.58 -24.39
N SER B 100 4.71 -26.27 -25.04
CA SER B 100 4.14 -27.50 -24.50
C SER B 100 5.11 -28.48 -23.84
N PRO B 101 6.30 -28.69 -24.43
CA PRO B 101 7.23 -29.63 -23.80
C PRO B 101 7.71 -29.24 -22.38
N TYR B 102 7.57 -27.96 -22.03
CA TYR B 102 8.02 -27.51 -20.70
C TYR B 102 7.05 -26.62 -19.92
N TYR B 103 5.76 -26.73 -20.23
CA TYR B 103 4.73 -25.96 -19.53
C TYR B 103 3.50 -26.83 -19.39
N ASP B 104 2.67 -26.52 -18.41
CA ASP B 104 1.41 -27.24 -18.23
C ASP B 104 0.35 -26.21 -18.67
N PHE B 105 -0.74 -26.69 -19.26
CA PHE B 105 -1.85 -25.85 -19.71
C PHE B 105 -3.03 -26.42 -18.96
N ILE B 106 -3.49 -25.69 -17.95
CA ILE B 106 -4.58 -26.16 -17.11
C ILE B 106 -5.88 -25.39 -17.28
N SER B 107 -6.98 -26.12 -17.37
CA SER B 107 -8.28 -25.50 -17.52
C SER B 107 -8.72 -25.15 -16.11
N VAL B 108 -9.62 -24.17 -15.99
CA VAL B 108 -10.11 -23.76 -14.67
C VAL B 108 -11.62 -23.52 -14.76
N GLY B 109 -12.17 -23.73 -15.94
CA GLY B 109 -13.59 -23.53 -16.12
C GLY B 109 -13.97 -22.51 -17.17
N ARG B 110 -15.23 -22.12 -17.14
CA ARG B 110 -15.81 -21.16 -18.06
C ARG B 110 -16.55 -20.15 -17.20
N THR B 111 -16.30 -18.86 -17.44
CA THR B 111 -16.98 -17.79 -16.69
C THR B 111 -17.18 -16.56 -17.56
N ARG B 112 -17.97 -15.62 -17.05
CA ARG B 112 -18.27 -14.41 -17.78
C ARG B 112 -17.29 -13.26 -17.54
N ILE B 113 -16.77 -12.72 -18.64
CA ILE B 113 -15.85 -11.58 -18.61
C ILE B 113 -16.21 -10.74 -19.83
N ALA B 114 -16.31 -9.42 -19.62
CA ALA B 114 -16.64 -8.52 -20.72
C ALA B 114 -17.94 -8.92 -21.38
N ASP B 115 -18.84 -9.51 -20.59
CA ASP B 115 -20.15 -9.96 -21.10
C ASP B 115 -20.03 -11.02 -22.19
N ARG B 116 -19.01 -11.86 -22.08
CA ARG B 116 -18.78 -12.93 -23.05
C ARG B 116 -18.46 -14.17 -22.23
N LEU B 117 -18.88 -15.34 -22.70
CA LEU B 117 -18.57 -16.55 -21.97
C LEU B 117 -17.13 -16.86 -22.33
N CYS B 118 -16.29 -17.08 -21.34
CA CYS B 118 -14.89 -17.35 -21.60
C CYS B 118 -14.34 -18.67 -21.04
N GLU B 119 -13.32 -19.16 -21.73
CA GLU B 119 -12.61 -20.37 -21.34
C GLU B 119 -11.45 -19.85 -20.49
N VAL B 120 -11.29 -20.40 -19.28
CA VAL B 120 -10.23 -19.97 -18.37
C VAL B 120 -9.10 -21.00 -18.31
N ILE B 121 -7.89 -20.56 -18.67
CA ILE B 121 -6.73 -21.44 -18.70
C ILE B 121 -5.48 -20.88 -18.02
N ARG B 122 -4.78 -21.74 -17.27
CA ARG B 122 -3.55 -21.34 -16.59
C ARG B 122 -2.37 -21.82 -17.39
N VAL B 123 -1.30 -21.03 -17.41
CA VAL B 123 -0.08 -21.40 -18.12
C VAL B 123 1.02 -21.37 -17.08
N VAL B 124 1.46 -22.55 -16.66
CA VAL B 124 2.51 -22.68 -15.64
C VAL B 124 3.73 -23.46 -16.13
N ALA B 125 4.91 -22.88 -15.96
CA ALA B 125 6.15 -23.54 -16.34
C ALA B 125 6.33 -24.74 -15.41
N ARG B 126 6.45 -25.93 -15.99
CA ARG B 126 6.56 -27.19 -15.24
C ARG B 126 7.63 -27.34 -14.16
N ASP B 127 8.79 -26.73 -14.35
CA ASP B 127 9.83 -26.85 -13.33
C ASP B 127 9.64 -25.85 -12.19
N GLY B 128 8.46 -25.23 -12.15
CA GLY B 128 8.11 -24.28 -11.10
C GLY B 128 9.05 -23.10 -10.88
N THR B 129 9.76 -22.71 -11.94
CA THR B 129 10.72 -21.62 -11.84
C THR B 129 10.22 -20.24 -12.29
N ARG B 130 9.07 -20.20 -12.95
CA ARG B 130 8.57 -18.94 -13.46
C ARG B 130 7.24 -18.39 -12.95
N TYR B 131 6.96 -17.17 -13.41
CA TYR B 131 5.71 -16.49 -13.08
C TYR B 131 4.70 -17.29 -13.89
N SER B 132 3.44 -17.26 -13.49
CA SER B 132 2.44 -17.99 -14.26
C SER B 132 1.37 -17.05 -14.81
N TYR B 133 0.62 -17.54 -15.78
CA TYR B 133 -0.45 -16.78 -16.40
C TYR B 133 -1.81 -17.44 -16.19
N ILE B 134 -2.85 -16.63 -16.27
CA ILE B 134 -4.21 -17.11 -16.23
C ILE B 134 -4.82 -16.30 -17.36
N VAL B 135 -5.46 -16.96 -18.30
CA VAL B 135 -6.08 -16.25 -19.41
C VAL B 135 -7.57 -16.59 -19.55
N TRP B 136 -8.34 -15.58 -19.93
CA TRP B 136 -9.78 -15.70 -20.17
C TRP B 136 -9.96 -15.36 -21.63
N MET B 137 -10.36 -16.33 -22.44
CA MET B 137 -10.55 -16.08 -23.86
C MET B 137 -11.99 -16.30 -24.25
N ASP B 138 -12.44 -15.49 -25.20
CA ASP B 138 -13.80 -15.55 -25.70
C ASP B 138 -14.03 -16.83 -26.51
N THR B 139 -14.95 -17.66 -26.05
CA THR B 139 -15.28 -18.91 -26.74
C THR B 139 -15.69 -18.70 -28.20
N GLU B 140 -16.28 -17.54 -28.49
CA GLU B 140 -16.71 -17.25 -29.86
C GLU B 140 -15.55 -16.83 -30.76
N SER B 141 -14.97 -15.66 -30.48
CA SER B 141 -13.86 -15.13 -31.27
C SER B 141 -12.50 -15.74 -30.95
N LYS B 142 -12.34 -16.24 -29.72
CA LYS B 142 -11.08 -16.84 -29.25
C LYS B 142 -10.11 -15.73 -28.81
N LEU B 143 -10.58 -14.48 -28.86
CA LEU B 143 -9.80 -13.32 -28.45
C LEU B 143 -9.65 -13.26 -26.92
N PRO B 144 -8.51 -12.78 -26.41
CA PRO B 144 -8.32 -12.68 -24.95
C PRO B 144 -9.20 -11.58 -24.34
N MET B 145 -9.90 -11.90 -23.25
CA MET B 145 -10.75 -10.91 -22.60
C MET B 145 -10.09 -10.45 -21.30
N ARG B 146 -9.16 -11.24 -20.80
CA ARG B 146 -8.46 -10.89 -19.58
C ARG B 146 -7.25 -11.80 -19.39
N VAL B 147 -6.16 -11.21 -18.88
CA VAL B 147 -4.95 -11.97 -18.63
C VAL B 147 -4.29 -11.47 -17.34
N ASP B 148 -4.00 -12.39 -16.41
CA ASP B 148 -3.33 -12.02 -15.18
C ASP B 148 -1.96 -12.70 -15.12
N LEU B 149 -0.94 -11.92 -14.75
CA LEU B 149 0.41 -12.44 -14.58
C LEU B 149 0.53 -12.58 -13.08
N LEU B 150 0.81 -13.78 -12.60
CA LEU B 150 0.91 -13.98 -11.16
C LEU B 150 2.31 -14.35 -10.69
N ASP B 151 2.73 -13.84 -9.54
CA ASP B 151 4.05 -14.21 -9.04
C ASP B 151 3.89 -15.60 -8.39
N ARG B 152 5.00 -16.27 -8.09
CA ARG B 152 4.91 -17.61 -7.55
C ARG B 152 4.16 -17.82 -6.24
N ASP B 153 3.75 -16.75 -5.56
CA ASP B 153 2.98 -16.93 -4.34
C ASP B 153 1.52 -16.56 -4.54
N GLY B 154 1.11 -16.41 -5.80
CA GLY B 154 -0.27 -16.09 -6.10
C GLY B 154 -0.71 -14.63 -6.28
N GLU B 155 0.10 -13.66 -5.87
CA GLU B 155 -0.29 -12.27 -6.06
C GLU B 155 -0.25 -11.90 -7.55
N THR B 156 -1.07 -10.92 -7.92
CA THR B 156 -1.13 -10.47 -9.30
C THR B 156 -0.08 -9.41 -9.57
N LEU B 157 0.73 -9.63 -10.58
CA LEU B 157 1.76 -8.65 -10.95
C LEU B 157 1.20 -7.66 -11.94
N GLU B 158 0.43 -8.15 -12.90
CA GLU B 158 -0.15 -7.29 -13.93
C GLU B 158 -1.46 -7.90 -14.44
N GLN B 159 -2.38 -7.05 -14.86
CA GLN B 159 -3.66 -7.52 -15.35
C GLN B 159 -4.10 -6.79 -16.62
N PHE B 160 -4.51 -7.58 -17.60
CA PHE B 160 -5.00 -7.09 -18.88
C PHE B 160 -6.52 -7.33 -18.83
N ARG B 161 -7.34 -6.31 -19.07
CA ARG B 161 -8.81 -6.49 -19.04
C ARG B 161 -9.57 -5.75 -20.12
N VAL B 162 -10.14 -6.51 -21.04
CA VAL B 162 -10.93 -5.91 -22.10
C VAL B 162 -12.18 -5.36 -21.44
N ILE B 163 -12.56 -4.15 -21.83
CA ILE B 163 -13.72 -3.46 -21.27
C ILE B 163 -14.79 -3.36 -22.37
N ALA B 164 -14.34 -3.35 -23.62
CA ALA B 164 -15.23 -3.29 -24.77
C ALA B 164 -14.43 -3.69 -25.99
N PHE B 165 -15.08 -4.40 -26.92
CA PHE B 165 -14.39 -4.78 -28.14
C PHE B 165 -15.39 -5.09 -29.25
N ASN B 166 -14.89 -5.24 -30.46
CA ASN B 166 -15.73 -5.62 -31.56
C ASN B 166 -14.86 -6.25 -32.64
N VAL B 167 -15.41 -7.22 -33.34
CA VAL B 167 -14.71 -7.88 -34.44
C VAL B 167 -15.47 -7.50 -35.70
N ASN B 168 -14.74 -7.23 -36.78
CA ASN B 168 -15.40 -6.82 -38.03
C ASN B 168 -15.00 -7.69 -39.21
N GLN B 169 -16.00 -8.12 -39.97
CA GLN B 169 -15.77 -8.95 -41.13
C GLN B 169 -14.72 -8.33 -42.06
N ASP B 170 -14.84 -7.04 -42.35
CA ASP B 170 -13.85 -6.39 -43.20
C ASP B 170 -13.24 -5.13 -42.57
N ILE B 171 -12.00 -4.85 -42.95
CA ILE B 171 -11.21 -3.73 -42.45
C ILE B 171 -11.77 -2.32 -42.63
N SER B 172 -11.58 -1.49 -41.59
CA SER B 172 -12.06 -0.12 -41.55
C SER B 172 -11.19 0.91 -42.29
N SER B 173 -11.54 2.19 -42.13
CA SER B 173 -10.84 3.30 -42.75
C SER B 173 -9.49 3.62 -42.11
N SER B 174 -9.51 3.89 -40.81
CA SER B 174 -8.31 4.21 -40.06
C SER B 174 -7.13 3.27 -40.32
N MET B 175 -7.42 1.97 -40.47
CA MET B 175 -6.38 0.99 -40.74
C MET B 175 -6.01 1.00 -42.21
N GLN B 176 -7.00 1.27 -43.07
CA GLN B 176 -6.77 1.34 -44.50
C GLN B 176 -5.86 2.55 -44.75
N THR B 177 -6.08 3.58 -43.93
CA THR B 177 -5.28 4.79 -44.01
C THR B 177 -3.86 4.48 -43.53
N LEU B 178 -3.76 3.75 -42.42
CA LEU B 178 -2.46 3.38 -41.86
C LEU B 178 -1.62 2.64 -42.88
N ALA B 179 -2.25 1.76 -43.64
CA ALA B 179 -1.56 0.98 -44.65
C ALA B 179 -0.86 1.87 -45.68
N LYS B 180 -1.48 3.00 -45.99
CA LYS B 180 -0.94 3.92 -46.98
C LYS B 180 -0.16 5.07 -46.34
N ALA B 181 0.01 4.99 -45.03
CA ALA B 181 0.71 6.03 -44.29
C ALA B 181 2.17 6.10 -44.66
N ASN B 182 2.72 7.33 -44.63
CA ASN B 182 4.12 7.53 -44.94
C ASN B 182 4.77 7.43 -43.57
N LEU B 183 5.28 6.24 -43.25
CA LEU B 183 5.89 5.99 -41.95
C LEU B 183 7.38 6.26 -41.83
N PRO B 184 7.84 6.61 -40.62
CA PRO B 184 9.24 6.90 -40.35
C PRO B 184 10.19 5.80 -40.83
N PRO B 185 11.37 6.20 -41.31
CA PRO B 185 12.42 5.32 -41.82
C PRO B 185 12.88 4.25 -40.84
N LEU B 186 13.18 3.06 -41.38
CA LEU B 186 13.66 1.94 -40.57
C LEU B 186 15.05 2.30 -40.02
N LEU B 187 15.27 1.98 -38.75
CA LEU B 187 16.56 2.23 -38.14
C LEU B 187 17.37 0.94 -38.19
N SER B 188 18.66 1.08 -38.48
CA SER B 188 19.53 -0.08 -38.52
C SER B 188 20.07 -0.33 -37.12
N VAL B 189 19.89 -1.54 -36.63
CA VAL B 189 20.41 -1.92 -35.30
C VAL B 189 20.89 -3.36 -35.42
N PRO B 190 22.16 -3.60 -35.04
CA PRO B 190 22.73 -4.95 -35.10
C PRO B 190 21.80 -6.01 -34.53
N VAL B 191 21.55 -7.04 -35.33
CA VAL B 191 20.68 -8.13 -34.93
C VAL B 191 21.20 -9.44 -35.50
N GLY B 192 21.39 -10.43 -34.63
CA GLY B 192 21.89 -11.71 -35.09
C GLY B 192 23.31 -12.02 -34.67
N GLU B 193 23.71 -11.50 -33.50
CA GLU B 193 25.05 -11.74 -32.99
C GLU B 193 25.09 -13.01 -32.16
N LYS B 194 26.18 -13.76 -32.33
CA LYS B 194 26.40 -15.01 -31.60
C LYS B 194 27.79 -14.90 -30.98
N ALA B 195 28.07 -13.77 -30.37
CA ALA B 195 29.37 -13.51 -29.75
C ALA B 195 29.83 -14.64 -28.83
N LYS B 196 31.15 -14.79 -28.74
CA LYS B 196 31.76 -15.83 -27.93
C LYS B 196 32.30 -15.28 -26.61
N PHE B 197 31.83 -15.85 -25.51
CA PHE B 197 32.26 -15.44 -24.17
C PHE B 197 32.80 -16.66 -23.43
N SER B 198 33.60 -16.43 -22.39
CA SER B 198 34.18 -17.55 -21.63
C SER B 198 33.23 -18.10 -20.57
N TRP B 199 32.28 -17.26 -20.13
CA TRP B 199 31.32 -17.66 -19.12
C TRP B 199 30.02 -18.20 -19.70
N THR B 200 29.49 -19.24 -19.07
CA THR B 200 28.24 -19.85 -19.54
C THR B 200 27.34 -20.28 -18.38
N PRO B 201 26.06 -19.91 -18.44
CA PRO B 201 25.09 -20.26 -17.40
C PRO B 201 24.90 -21.77 -17.39
N THR B 202 25.50 -22.45 -16.41
CA THR B 202 25.40 -23.90 -16.33
C THR B 202 24.03 -24.41 -15.88
N TRP B 203 23.14 -23.50 -15.49
CA TRP B 203 21.79 -23.87 -15.08
C TRP B 203 20.81 -22.80 -15.51
N LEU B 204 19.75 -23.24 -16.18
CA LEU B 204 18.71 -22.35 -16.66
C LEU B 204 17.42 -23.15 -16.57
N PRO B 205 16.28 -22.49 -16.29
CA PRO B 205 15.08 -23.32 -16.22
C PRO B 205 14.77 -23.96 -17.58
N GLN B 206 14.13 -25.13 -17.56
CA GLN B 206 13.79 -25.84 -18.78
C GLN B 206 13.07 -24.94 -19.78
N GLY B 207 13.35 -25.15 -21.06
CA GLY B 207 12.69 -24.36 -22.09
C GLY B 207 13.43 -23.13 -22.59
N PHE B 208 14.36 -22.59 -21.81
CA PHE B 208 15.07 -21.40 -22.29
C PHE B 208 16.15 -21.72 -23.30
N SER B 209 16.40 -20.75 -24.18
CA SER B 209 17.43 -20.85 -25.19
C SER B 209 17.93 -19.45 -25.36
N GLU B 210 19.18 -19.31 -25.77
CA GLU B 210 19.75 -18.01 -26.00
C GLU B 210 19.32 -17.54 -27.37
N VAL B 211 18.99 -16.26 -27.49
CA VAL B 211 18.57 -15.72 -28.77
C VAL B 211 19.47 -14.55 -29.17
N SER B 212 20.45 -14.24 -28.32
CA SER B 212 21.37 -13.14 -28.59
C SER B 212 22.53 -13.16 -27.60
N SER B 213 23.69 -12.71 -28.06
CA SER B 213 24.89 -12.62 -27.24
C SER B 213 25.75 -11.52 -27.83
N SER B 214 25.78 -10.37 -27.17
CA SER B 214 26.57 -9.25 -27.68
C SER B 214 27.30 -8.47 -26.60
N ARG B 215 27.81 -7.31 -26.99
CA ARG B 215 28.54 -6.43 -26.08
C ARG B 215 28.20 -4.97 -26.36
N ARG B 216 28.20 -4.14 -25.32
CA ARG B 216 27.88 -2.73 -25.44
C ARG B 216 28.73 -1.87 -24.51
N MET B 224 33.25 0.52 -19.41
CA MET B 224 31.82 0.23 -19.47
C MET B 224 31.46 -0.87 -20.47
N PRO B 225 32.34 -1.89 -20.63
CA PRO B 225 32.08 -2.99 -21.56
C PRO B 225 31.15 -4.04 -20.93
N ILE B 226 30.10 -4.42 -21.65
CA ILE B 226 29.15 -5.39 -21.12
C ILE B 226 28.87 -6.57 -22.06
N GLU B 227 29.06 -7.78 -21.52
CA GLU B 227 28.81 -9.01 -22.26
C GLU B 227 27.40 -9.48 -21.91
N SER B 228 26.46 -9.25 -22.82
CA SER B 228 25.06 -9.58 -22.57
C SER B 228 24.42 -10.72 -23.35
N ARG B 229 23.94 -11.74 -22.61
CA ARG B 229 23.26 -12.88 -23.22
C ARG B 229 21.76 -12.78 -22.98
N LEU B 230 20.98 -12.70 -24.06
CA LEU B 230 19.52 -12.60 -23.96
C LEU B 230 18.88 -13.97 -24.10
N TYR B 231 18.04 -14.32 -23.15
CA TYR B 231 17.37 -15.60 -23.15
C TYR B 231 15.87 -15.44 -23.28
N SER B 232 15.20 -16.51 -23.67
CA SER B 232 13.77 -16.49 -23.83
C SER B 232 13.31 -17.93 -23.92
N ASP B 233 12.15 -18.23 -23.35
CA ASP B 233 11.65 -19.58 -23.40
C ASP B 233 10.42 -19.57 -24.29
N GLY B 234 10.28 -18.50 -25.07
CA GLY B 234 9.14 -18.37 -25.95
C GLY B 234 8.06 -17.50 -25.34
N LEU B 235 8.06 -17.41 -24.02
CA LEU B 235 7.10 -16.61 -23.29
C LEU B 235 7.75 -15.47 -22.49
N PHE B 236 8.73 -15.83 -21.67
CA PHE B 236 9.45 -14.86 -20.86
C PHE B 236 10.87 -14.72 -21.41
N SER B 237 11.51 -13.60 -21.12
CA SER B 237 12.89 -13.37 -21.54
C SER B 237 13.68 -12.66 -20.44
N PHE B 238 15.01 -12.72 -20.53
CA PHE B 238 15.87 -12.05 -19.57
C PHE B 238 17.30 -12.01 -20.08
N SER B 239 18.05 -10.99 -19.66
CA SER B 239 19.43 -10.86 -20.07
C SER B 239 20.40 -11.18 -18.93
N VAL B 240 21.46 -11.91 -19.25
CA VAL B 240 22.47 -12.26 -18.28
C VAL B 240 23.69 -11.41 -18.59
N ASN B 241 23.85 -10.30 -17.86
CA ASN B 241 24.97 -9.39 -18.08
C ASN B 241 26.15 -9.62 -17.14
N VAL B 242 27.35 -9.71 -17.73
CA VAL B 242 28.57 -9.93 -16.96
C VAL B 242 29.68 -8.97 -17.33
N ASN B 243 30.08 -8.14 -16.36
CA ASN B 243 31.19 -7.20 -16.56
C ASN B 243 32.10 -7.29 -15.34
N ARG B 244 33.31 -6.75 -15.43
CA ARG B 244 34.23 -6.78 -14.31
C ARG B 244 33.70 -5.90 -13.19
N ALA B 245 33.80 -6.38 -11.96
CA ALA B 245 33.30 -5.64 -10.80
C ALA B 245 34.16 -4.45 -10.40
N THR B 246 33.50 -3.37 -9.99
CA THR B 246 34.20 -2.17 -9.54
C THR B 246 34.45 -2.40 -8.05
N PRO B 247 35.33 -1.59 -7.44
CA PRO B 247 35.58 -1.78 -6.01
C PRO B 247 34.39 -1.43 -5.10
N SER B 248 33.34 -0.85 -5.67
CA SER B 248 32.18 -0.46 -4.86
C SER B 248 30.84 -1.10 -5.19
N SER B 249 30.79 -1.95 -6.22
CA SER B 249 29.53 -2.60 -6.59
C SER B 249 29.06 -3.56 -5.50
N THR B 250 27.75 -3.59 -5.28
CA THR B 250 27.16 -4.47 -4.25
C THR B 250 26.16 -5.48 -4.81
N ASP B 251 25.90 -6.51 -4.01
CA ASP B 251 24.94 -7.55 -4.38
C ASP B 251 23.57 -6.89 -4.19
N GLN B 252 22.63 -7.17 -5.08
CA GLN B 252 21.31 -6.58 -4.93
C GLN B 252 20.17 -7.29 -5.64
N MET B 253 18.96 -6.92 -5.26
CA MET B 253 17.75 -7.50 -5.79
C MET B 253 16.63 -6.50 -5.65
N LEU B 254 16.04 -6.09 -6.76
CA LEU B 254 14.92 -5.16 -6.72
C LEU B 254 13.83 -5.59 -7.68
N ARG B 255 12.65 -4.99 -7.51
CA ARG B 255 11.51 -5.34 -8.35
C ARG B 255 10.76 -4.15 -8.87
N THR B 256 10.26 -4.31 -10.09
CA THR B 256 9.48 -3.30 -10.78
C THR B 256 8.35 -4.07 -11.42
N GLY B 257 7.50 -4.66 -10.57
CA GLY B 257 6.40 -5.44 -11.08
C GLY B 257 6.88 -6.77 -11.65
N ARG B 258 6.88 -6.88 -12.97
CA ARG B 258 7.31 -8.11 -13.63
C ARG B 258 8.82 -8.18 -13.87
N ARG B 259 9.47 -7.03 -13.91
CA ARG B 259 10.92 -6.98 -14.17
C ARG B 259 11.76 -7.10 -12.91
N THR B 260 12.67 -8.07 -12.93
CA THR B 260 13.56 -8.31 -11.80
C THR B 260 15.00 -7.95 -12.16
N VAL B 261 15.70 -7.40 -11.18
CA VAL B 261 17.10 -7.06 -11.37
C VAL B 261 17.88 -7.63 -10.20
N SER B 262 18.71 -8.62 -10.49
CA SER B 262 19.51 -9.30 -9.49
C SER B 262 20.99 -9.18 -9.80
N THR B 263 21.73 -8.58 -8.87
CA THR B 263 23.17 -8.39 -9.05
C THR B 263 24.00 -9.25 -8.10
N SER B 264 24.75 -10.19 -8.65
CA SER B 264 25.58 -11.05 -7.83
C SER B 264 27.03 -10.67 -8.10
N VAL B 265 27.85 -10.69 -7.05
CA VAL B 265 29.26 -10.35 -7.18
C VAL B 265 30.11 -11.55 -6.82
N ARG B 266 30.98 -11.96 -7.73
CA ARG B 266 31.87 -13.08 -7.46
C ARG B 266 32.98 -13.27 -8.49
N ASP B 267 34.09 -13.83 -8.01
CA ASP B 267 35.26 -14.10 -8.83
C ASP B 267 35.64 -12.87 -9.63
N ASN B 268 35.46 -11.71 -9.00
CA ASN B 268 35.78 -10.41 -9.58
C ASN B 268 34.89 -10.06 -10.77
N ALA B 269 33.63 -10.47 -10.72
CA ALA B 269 32.70 -10.18 -11.80
C ALA B 269 31.36 -9.68 -11.27
N GLU B 270 30.76 -8.76 -12.00
CA GLU B 270 29.47 -8.19 -11.63
C GLU B 270 28.43 -8.88 -12.51
N ILE B 271 27.71 -9.82 -11.93
CA ILE B 271 26.68 -10.58 -12.65
C ILE B 271 25.28 -9.99 -12.45
N THR B 272 24.74 -9.37 -13.49
CA THR B 272 23.41 -8.79 -13.41
C THR B 272 22.40 -9.57 -14.25
N ILE B 273 21.27 -9.88 -13.64
CA ILE B 273 20.22 -10.62 -14.33
C ILE B 273 18.99 -9.73 -14.37
N VAL B 274 18.51 -9.47 -15.59
CA VAL B 274 17.37 -8.59 -15.81
C VAL B 274 16.24 -9.23 -16.61
N GLY B 275 15.01 -9.07 -16.12
CA GLY B 275 13.90 -9.65 -16.85
C GLY B 275 12.72 -10.20 -16.07
N GLU B 276 11.90 -10.95 -16.79
CA GLU B 276 10.70 -11.54 -16.24
C GLU B 276 10.96 -12.83 -15.51
N LEU B 277 11.73 -12.75 -14.44
CA LEU B 277 12.03 -13.94 -13.64
C LEU B 277 11.88 -13.74 -12.16
N PRO B 278 11.30 -14.74 -11.47
CA PRO B 278 11.14 -14.64 -10.02
C PRO B 278 12.56 -14.37 -9.48
N PRO B 279 12.70 -13.48 -8.49
CA PRO B 279 14.03 -13.19 -7.94
C PRO B 279 14.89 -14.42 -7.64
N GLN B 280 14.30 -15.43 -7.01
CA GLN B 280 15.05 -16.64 -6.65
C GLN B 280 15.59 -17.40 -7.86
N THR B 281 14.91 -17.30 -9.00
CA THR B 281 15.35 -18.00 -10.19
C THR B 281 16.50 -17.25 -10.82
N ALA B 282 16.47 -15.94 -10.70
CA ALA B 282 17.53 -15.12 -11.25
C ALA B 282 18.81 -15.44 -10.50
N LYS B 283 18.75 -15.33 -9.18
CA LYS B 283 19.89 -15.58 -8.32
C LYS B 283 20.53 -16.93 -8.63
N ARG B 284 19.72 -17.97 -8.74
CA ARG B 284 20.25 -19.29 -9.05
C ARG B 284 20.97 -19.30 -10.39
N ILE B 285 20.45 -18.54 -11.35
CA ILE B 285 21.09 -18.48 -12.65
C ILE B 285 22.42 -17.74 -12.51
N ALA B 286 22.37 -16.62 -11.78
CA ALA B 286 23.53 -15.78 -11.55
C ALA B 286 24.65 -16.48 -10.82
N GLU B 287 24.33 -17.48 -10.00
CA GLU B 287 25.40 -18.15 -9.26
C GLU B 287 25.83 -19.49 -9.86
N ASN B 288 25.23 -19.85 -10.99
CA ASN B 288 25.58 -21.09 -11.66
C ASN B 288 26.35 -20.81 -12.95
N ILE B 289 26.74 -19.57 -13.12
CA ILE B 289 27.52 -19.14 -14.28
C ILE B 289 28.97 -19.54 -14.03
N LYS B 290 29.46 -20.52 -14.79
CA LYS B 290 30.83 -20.98 -14.65
C LYS B 290 31.71 -20.08 -15.52
N PHE B 291 32.77 -19.53 -14.93
CA PHE B 291 33.67 -18.65 -15.68
C PHE B 291 34.86 -19.31 -16.37
N GLY B 292 35.58 -18.50 -17.14
CA GLY B 292 36.76 -18.97 -17.84
C GLY B 292 37.81 -17.88 -17.93
N THR C 1 31.54 -19.81 4.21
CA THR C 1 31.86 -19.12 5.46
C THR C 1 31.44 -19.94 6.68
N PRO C 2 32.28 -20.89 7.09
CA PRO C 2 31.95 -21.72 8.26
C PRO C 2 31.78 -20.91 9.55
N ALA C 3 32.26 -19.66 9.53
CA ALA C 3 32.12 -18.80 10.70
C ALA C 3 30.64 -18.59 10.97
N SER C 4 29.87 -18.49 9.88
CA SER C 4 28.44 -18.27 9.97
C SER C 4 27.75 -19.28 10.88
N GLY C 5 28.07 -20.55 10.71
CA GLY C 5 27.46 -21.58 11.53
C GLY C 5 27.89 -21.45 12.99
N ALA C 6 29.14 -21.05 13.20
CA ALA C 6 29.68 -20.89 14.54
C ALA C 6 29.02 -19.71 15.23
N LEU C 7 28.76 -18.65 14.47
CA LEU C 7 28.11 -17.45 15.00
C LEU C 7 26.67 -17.78 15.41
N LEU C 8 25.97 -18.56 14.59
CA LEU C 8 24.59 -18.92 14.88
C LEU C 8 24.50 -19.79 16.11
N GLN C 9 25.47 -20.67 16.29
CA GLN C 9 25.44 -21.53 17.49
C GLN C 9 25.69 -20.66 18.73
N GLN C 10 26.54 -19.64 18.58
CA GLN C 10 26.86 -18.70 19.67
C GLN C 10 25.62 -17.91 20.10
N MET C 11 24.82 -17.52 19.12
CA MET C 11 23.59 -16.78 19.37
C MET C 11 22.58 -17.67 20.11
N ASN C 12 22.52 -18.93 19.70
CA ASN C 12 21.62 -19.87 20.34
C ASN C 12 22.04 -20.06 21.80
N LEU C 13 23.32 -20.31 22.01
CA LEU C 13 23.84 -20.51 23.36
C LEU C 13 23.55 -19.27 24.23
N ALA C 14 23.87 -18.09 23.71
CA ALA C 14 23.64 -16.87 24.47
C ALA C 14 22.17 -16.71 24.88
N SER C 15 21.26 -17.03 23.96
CA SER C 15 19.83 -16.93 24.24
C SER C 15 19.41 -17.92 25.32
N GLN C 16 20.15 -19.02 25.42
CA GLN C 16 19.88 -20.05 26.41
C GLN C 16 20.60 -19.86 27.75
N SER C 17 21.80 -19.29 27.69
CA SER C 17 22.62 -19.14 28.89
C SER C 17 22.64 -17.83 29.68
N LEU C 18 22.39 -16.72 29.02
CA LEU C 18 22.44 -15.42 29.68
C LEU C 18 21.17 -14.96 30.38
N ASN C 19 21.32 -13.95 31.23
CA ASN C 19 20.17 -13.35 31.91
C ASN C 19 20.05 -12.03 31.16
N TYR C 20 18.89 -11.74 30.60
CA TYR C 20 18.77 -10.52 29.84
C TYR C 20 17.33 -10.12 29.62
N GLU C 21 17.15 -8.90 29.13
CA GLU C 21 15.83 -8.40 28.83
C GLU C 21 15.88 -7.74 27.46
N LEU C 22 14.96 -8.13 26.59
CA LEU C 22 14.88 -7.55 25.25
C LEU C 22 13.56 -6.81 25.13
N SER C 23 13.62 -5.53 24.74
CA SER C 23 12.42 -4.71 24.50
C SER C 23 12.33 -4.66 22.98
N PHE C 24 11.41 -5.41 22.39
CA PHE C 24 11.30 -5.44 20.94
C PHE C 24 9.92 -5.22 20.34
N ILE C 25 9.91 -5.08 19.01
CA ILE C 25 8.66 -4.95 18.29
C ILE C 25 8.57 -6.14 17.34
N SER C 26 7.35 -6.54 17.02
CA SER C 26 7.09 -7.65 16.10
C SER C 26 6.26 -7.00 15.03
N ILE C 27 6.71 -7.17 13.78
CA ILE C 27 6.06 -6.54 12.66
C ILE C 27 5.62 -7.46 11.54
N ASN C 28 4.34 -7.35 11.19
CA ASN C 28 3.77 -8.10 10.09
C ASN C 28 2.75 -7.18 9.44
N LYS C 29 2.07 -7.64 8.40
CA LYS C 29 1.08 -6.79 7.76
C LYS C 29 -0.08 -6.46 8.71
N GLN C 30 -0.23 -7.26 9.76
CA GLN C 30 -1.30 -7.00 10.72
C GLN C 30 -0.94 -5.91 11.73
N GLY C 31 0.25 -5.32 11.59
CA GLY C 31 0.65 -4.24 12.49
C GLY C 31 2.02 -4.29 13.15
N VAL C 32 2.21 -3.40 14.12
CA VAL C 32 3.45 -3.30 14.90
C VAL C 32 3.13 -3.52 16.38
N GLU C 33 3.64 -4.62 16.93
CA GLU C 33 3.39 -4.96 18.32
C GLU C 33 4.58 -4.80 19.29
N SER C 34 4.32 -4.09 20.36
CA SER C 34 5.29 -3.83 21.41
C SER C 34 5.35 -5.03 22.39
N LEU C 35 6.52 -5.65 22.52
CA LEU C 35 6.69 -6.79 23.41
C LEU C 35 7.95 -6.73 24.25
N ARG C 36 7.99 -7.55 25.30
CA ARG C 36 9.15 -7.62 26.17
C ARG C 36 9.46 -9.04 26.56
N TYR C 37 10.71 -9.46 26.34
CA TYR C 37 11.12 -10.81 26.70
C TYR C 37 12.22 -10.82 27.75
N ARG C 38 11.94 -11.48 28.86
CA ARG C 38 12.93 -11.58 29.93
C ARG C 38 13.41 -13.01 30.02
N HIS C 39 14.70 -13.18 30.22
CA HIS C 39 15.24 -14.53 30.35
C HIS C 39 16.36 -14.59 31.40
N ALA C 40 16.42 -15.71 32.12
CA ALA C 40 17.44 -15.91 33.15
C ALA C 40 17.57 -17.40 33.40
N ARG C 41 18.54 -17.75 34.25
CA ARG C 41 18.77 -19.14 34.62
C ARG C 41 19.08 -19.21 36.11
N LEU C 42 18.21 -19.90 36.84
CA LEU C 42 18.38 -20.09 38.28
C LEU C 42 18.65 -21.58 38.46
N ASP C 43 19.72 -21.90 39.19
CA ASP C 43 20.10 -23.29 39.42
C ASP C 43 19.94 -24.15 38.16
N ASN C 44 20.66 -23.75 37.11
CA ASN C 44 20.64 -24.43 35.81
C ASN C 44 19.24 -24.76 35.33
N ARG C 45 18.31 -23.83 35.54
CA ARG C 45 16.92 -24.00 35.13
C ARG C 45 16.46 -22.68 34.50
N PRO C 46 15.99 -22.72 33.25
CA PRO C 46 15.53 -21.50 32.57
C PRO C 46 14.26 -20.82 33.10
N LEU C 47 14.33 -19.50 33.22
CA LEU C 47 13.21 -18.66 33.66
C LEU C 47 13.01 -17.61 32.58
N ALA C 48 11.77 -17.39 32.16
CA ALA C 48 11.50 -16.41 31.12
C ALA C 48 10.08 -15.88 31.16
N GLN C 49 9.93 -14.65 30.66
CA GLN C 49 8.64 -13.97 30.60
C GLN C 49 8.52 -13.21 29.29
N LEU C 50 7.39 -13.39 28.61
CA LEU C 50 7.10 -12.69 27.37
C LEU C 50 5.85 -11.90 27.74
N LEU C 51 5.96 -10.57 27.73
CA LEU C 51 4.84 -9.70 28.10
C LEU C 51 4.40 -8.77 26.97
N GLN C 52 3.09 -8.69 26.76
CA GLN C 52 2.53 -7.79 25.76
C GLN C 52 2.55 -6.46 26.48
N MET C 53 3.15 -5.44 25.86
CA MET C 53 3.29 -4.14 26.54
C MET C 53 2.15 -3.12 26.46
N ASP C 54 1.36 -3.16 25.40
CA ASP C 54 0.24 -2.22 25.24
C ASP C 54 -1.06 -3.02 25.25
N GLY C 55 -2.14 -2.36 25.65
CA GLY C 55 -3.44 -3.03 25.68
C GLY C 55 -3.56 -4.05 26.78
N PRO C 56 -4.36 -5.11 26.59
CA PRO C 56 -4.52 -6.14 27.62
C PRO C 56 -3.17 -6.69 28.07
N ARG C 57 -3.06 -7.01 29.35
CA ARG C 57 -1.81 -7.52 29.90
C ARG C 57 -1.67 -9.04 29.76
N ARG C 58 -1.46 -9.50 28.54
CA ARG C 58 -1.27 -10.91 28.27
C ARG C 58 0.20 -11.25 28.47
N GLU C 59 0.46 -12.41 29.08
CA GLU C 59 1.82 -12.86 29.30
C GLU C 59 1.99 -14.35 29.31
N VAL C 60 3.17 -14.79 28.87
CA VAL C 60 3.51 -16.20 28.84
C VAL C 60 4.80 -16.32 29.66
N VAL C 61 4.84 -17.26 30.60
CA VAL C 61 6.03 -17.44 31.42
C VAL C 61 6.60 -18.83 31.22
N GLN C 62 7.85 -19.00 31.61
CA GLN C 62 8.48 -20.29 31.49
C GLN C 62 9.30 -20.57 32.75
N ARG C 63 9.33 -21.85 33.12
CA ARG C 63 10.10 -22.30 34.29
C ARG C 63 10.35 -23.77 34.08
N GLY C 64 11.61 -24.14 33.89
CA GLY C 64 11.95 -25.52 33.65
C GLY C 64 11.36 -25.87 32.29
N ASN C 65 10.66 -27.00 32.22
CA ASN C 65 10.04 -27.39 30.97
C ASN C 65 8.54 -27.11 31.06
N GLU C 66 8.19 -26.10 31.86
CA GLU C 66 6.78 -25.71 32.01
C GLU C 66 6.50 -24.31 31.42
N ILE C 67 5.43 -24.20 30.64
CA ILE C 67 5.07 -22.95 29.99
C ILE C 67 3.65 -22.55 30.35
N SER C 68 3.49 -21.42 31.04
CA SER C 68 2.18 -20.93 31.48
C SER C 68 1.66 -19.74 30.66
N TYR C 69 0.38 -19.78 30.30
CA TYR C 69 -0.28 -18.75 29.51
C TYR C 69 -1.29 -17.98 30.34
N PHE C 70 -1.09 -16.66 30.42
CA PHE C 70 -1.98 -15.78 31.16
C PHE C 70 -2.64 -14.82 30.19
N GLU C 71 -3.87 -14.43 30.49
CA GLU C 71 -4.60 -13.53 29.62
C GLU C 71 -5.90 -13.12 30.30
N PRO C 72 -5.95 -11.91 30.89
CA PRO C 72 -7.16 -11.46 31.57
C PRO C 72 -8.45 -11.88 30.85
N GLY C 73 -9.42 -12.35 31.63
CA GLY C 73 -10.67 -12.79 31.04
C GLY C 73 -10.70 -14.28 30.76
N LEU C 74 -9.61 -14.80 30.20
CA LEU C 74 -9.53 -16.24 29.89
C LEU C 74 -8.92 -16.93 31.11
N GLU C 75 -8.70 -18.24 31.03
CA GLU C 75 -8.14 -18.93 32.19
C GLU C 75 -6.78 -19.57 31.98
N PRO C 76 -5.87 -19.35 32.94
CA PRO C 76 -4.49 -19.86 32.93
C PRO C 76 -4.37 -21.36 32.81
N PHE C 77 -3.32 -21.77 32.09
CA PHE C 77 -3.03 -23.19 31.91
C PHE C 77 -1.54 -23.30 31.68
N THR C 78 -1.03 -24.52 31.68
CA THR C 78 0.39 -24.75 31.50
C THR C 78 0.63 -25.91 30.56
N LEU C 79 1.71 -25.83 29.79
CA LEU C 79 2.07 -26.88 28.84
C LEU C 79 3.52 -27.20 29.11
N ASN C 80 3.99 -28.29 28.52
CA ASN C 80 5.37 -28.68 28.69
C ASN C 80 6.10 -28.25 27.42
N GLY C 81 7.30 -27.72 27.59
CA GLY C 81 8.07 -27.27 26.45
C GLY C 81 9.37 -26.72 26.96
N ASP C 82 10.36 -26.60 26.06
CA ASP C 82 11.68 -26.10 26.45
C ASP C 82 11.84 -24.60 26.27
N TYR C 83 10.84 -23.95 25.67
CA TYR C 83 10.89 -22.52 25.42
C TYR C 83 9.53 -22.01 24.97
N ILE C 84 9.29 -20.73 25.18
CA ILE C 84 8.04 -20.10 24.76
C ILE C 84 8.03 -19.92 23.24
N VAL C 85 6.95 -20.36 22.60
CA VAL C 85 6.82 -20.26 21.16
C VAL C 85 6.27 -18.87 20.79
N ASP C 86 6.87 -18.25 19.77
CA ASP C 86 6.48 -16.91 19.33
C ASP C 86 6.86 -15.80 20.31
N SER C 87 7.86 -16.06 21.15
CA SER C 87 8.37 -15.07 22.11
C SER C 87 9.62 -14.48 21.46
N LEU C 88 10.17 -15.27 20.55
CA LEU C 88 11.32 -14.90 19.76
C LEU C 88 11.11 -15.72 18.50
N PRO C 89 11.77 -15.35 17.39
CA PRO C 89 11.56 -16.16 16.19
C PRO C 89 12.12 -17.57 16.41
N SER C 90 11.53 -18.56 15.74
CA SER C 90 11.96 -19.96 15.84
C SER C 90 13.44 -20.11 15.59
N LEU C 91 14.00 -19.21 14.79
CA LEU C 91 15.41 -19.23 14.46
C LEU C 91 16.32 -19.24 15.68
N ILE C 92 15.87 -18.61 16.76
CA ILE C 92 16.66 -18.52 17.98
C ILE C 92 16.78 -19.84 18.73
N TYR C 93 15.70 -20.61 18.77
CA TYR C 93 15.69 -21.89 19.46
C TYR C 93 16.08 -23.09 18.60
N THR C 94 16.43 -22.86 17.34
CA THR C 94 16.78 -23.96 16.45
C THR C 94 18.20 -24.50 16.68
N ASP C 95 18.40 -25.78 16.35
CA ASP C 95 19.70 -26.43 16.49
C ASP C 95 20.38 -26.47 15.13
N PHE C 96 21.13 -25.42 14.81
CA PHE C 96 21.81 -25.33 13.53
C PHE C 96 22.63 -26.55 13.11
N LYS C 97 23.10 -27.34 14.07
CA LYS C 97 23.88 -28.51 13.71
C LYS C 97 22.98 -29.48 12.95
N ARG C 98 21.79 -29.74 13.48
CA ARG C 98 20.85 -30.66 12.86
C ARG C 98 20.46 -30.32 11.42
N LEU C 99 20.19 -29.04 11.16
CA LEU C 99 19.78 -28.63 9.82
C LEU C 99 20.92 -28.20 8.91
N SER C 100 22.15 -28.40 9.36
CA SER C 100 23.31 -28.03 8.57
C SER C 100 23.37 -28.82 7.26
N PRO C 101 22.86 -30.07 7.27
CA PRO C 101 22.89 -30.88 6.05
C PRO C 101 21.94 -30.40 4.95
N TYR C 102 20.99 -29.52 5.27
CA TYR C 102 20.05 -29.05 4.25
C TYR C 102 19.81 -27.54 4.25
N TYR C 103 20.65 -26.83 4.99
CA TYR C 103 20.57 -25.38 5.07
C TYR C 103 21.94 -24.75 4.85
N ASP C 104 21.95 -23.59 4.21
CA ASP C 104 23.19 -22.87 3.98
C ASP C 104 23.20 -21.66 4.90
N PHE C 105 24.34 -21.41 5.54
CA PHE C 105 24.46 -20.26 6.43
C PHE C 105 25.41 -19.28 5.75
N ILE C 106 24.83 -18.23 5.18
CA ILE C 106 25.59 -17.25 4.43
C ILE C 106 25.82 -15.90 5.12
N SER C 107 27.08 -15.50 5.23
CA SER C 107 27.42 -14.22 5.83
C SER C 107 27.12 -13.09 4.86
N VAL C 108 26.38 -12.09 5.34
CA VAL C 108 26.02 -10.96 4.50
C VAL C 108 26.90 -9.76 4.86
N GLY C 109 27.67 -9.91 5.93
CA GLY C 109 28.52 -8.83 6.36
C GLY C 109 28.18 -8.34 7.75
N ARG C 110 28.57 -7.11 8.06
CA ARG C 110 28.32 -6.50 9.36
C ARG C 110 27.65 -5.16 9.17
N THR C 111 26.81 -4.78 10.12
CA THR C 111 26.12 -3.50 10.03
C THR C 111 25.54 -3.14 11.40
N ARG C 112 25.19 -1.88 11.56
CA ARG C 112 24.68 -1.37 12.82
C ARG C 112 23.16 -1.51 13.05
N ILE C 113 22.79 -2.12 14.18
CA ILE C 113 21.39 -2.31 14.57
C ILE C 113 21.31 -2.11 16.07
N ALA C 114 20.32 -1.34 16.52
CA ALA C 114 20.14 -1.11 17.97
C ALA C 114 21.43 -0.63 18.63
N ASP C 115 22.14 0.23 17.91
CA ASP C 115 23.38 0.81 18.38
C ASP C 115 24.42 -0.24 18.69
N ARG C 116 24.45 -1.29 17.90
CA ARG C 116 25.43 -2.35 18.10
C ARG C 116 25.92 -2.81 16.75
N LEU C 117 27.16 -3.24 16.69
CA LEU C 117 27.69 -3.74 15.44
C LEU C 117 27.24 -5.20 15.41
N CYS C 118 26.58 -5.61 14.34
CA CYS C 118 26.08 -6.98 14.25
C CYS C 118 26.58 -7.79 13.05
N GLU C 119 26.65 -9.10 13.24
CA GLU C 119 27.01 -9.99 12.15
C GLU C 119 25.68 -10.28 11.48
N VAL C 120 25.65 -10.18 10.15
CA VAL C 120 24.41 -10.42 9.42
C VAL C 120 24.48 -11.78 8.73
N ILE C 121 23.53 -12.66 9.04
CA ILE C 121 23.52 -13.99 8.45
C ILE C 121 22.19 -14.45 7.86
N ARG C 122 22.27 -15.04 6.68
CA ARG C 122 21.12 -15.55 5.95
C ARG C 122 21.04 -17.07 6.15
N VAL C 123 19.87 -17.57 6.52
CA VAL C 123 19.66 -19.00 6.72
C VAL C 123 18.69 -19.46 5.63
N VAL C 124 19.22 -20.22 4.66
CA VAL C 124 18.42 -20.67 3.53
C VAL C 124 18.52 -22.18 3.30
N ALA C 125 17.37 -22.81 3.05
CA ALA C 125 17.33 -24.24 2.78
C ALA C 125 17.94 -24.41 1.39
N ARG C 126 18.84 -25.36 1.23
CA ARG C 126 19.47 -25.57 -0.06
C ARG C 126 18.52 -25.89 -1.21
N ASP C 127 17.44 -26.63 -0.93
CA ASP C 127 16.51 -27.00 -2.00
C ASP C 127 15.59 -25.87 -2.46
N GLY C 128 15.71 -24.71 -1.83
CA GLY C 128 14.93 -23.55 -2.21
C GLY C 128 13.42 -23.65 -2.07
N THR C 129 12.96 -24.60 -1.27
CA THR C 129 11.52 -24.80 -1.07
C THR C 129 10.91 -23.98 0.06
N ARG C 130 11.73 -23.41 0.94
CA ARG C 130 11.20 -22.66 2.07
C ARG C 130 11.48 -21.17 2.14
N TYR C 131 10.92 -20.57 3.19
CA TYR C 131 11.14 -19.17 3.50
C TYR C 131 12.56 -19.15 4.03
N SER C 132 13.20 -18.00 3.97
CA SER C 132 14.55 -17.88 4.49
C SER C 132 14.58 -16.88 5.64
N TYR C 133 15.65 -16.90 6.42
CA TYR C 133 15.81 -15.98 7.54
C TYR C 133 17.07 -15.15 7.39
N ILE C 134 17.03 -13.93 7.90
CA ILE C 134 18.21 -13.08 7.91
C ILE C 134 18.32 -12.65 9.35
N VAL C 135 19.48 -12.91 9.95
CA VAL C 135 19.72 -12.56 11.35
C VAL C 135 20.78 -11.50 11.53
N TRP C 136 20.50 -10.54 12.41
CA TRP C 136 21.46 -9.50 12.76
C TRP C 136 21.73 -9.81 14.23
N MET C 137 22.93 -10.27 14.55
CA MET C 137 23.25 -10.60 15.93
C MET C 137 24.35 -9.73 16.47
N ASP C 138 24.17 -9.29 17.70
CA ASP C 138 25.11 -8.42 18.37
C ASP C 138 26.45 -9.12 18.50
N THR C 139 27.51 -8.50 17.95
CA THR C 139 28.85 -9.10 18.00
C THR C 139 29.37 -9.25 19.41
N GLU C 140 28.81 -8.49 20.36
CA GLU C 140 29.26 -8.57 21.73
C GLU C 140 28.52 -9.61 22.59
N SER C 141 27.23 -9.41 22.85
CA SER C 141 26.47 -10.38 23.66
C SER C 141 26.08 -11.65 22.89
N LYS C 142 26.07 -11.55 21.56
CA LYS C 142 25.70 -12.63 20.65
C LYS C 142 24.19 -12.79 20.52
N LEU C 143 23.45 -11.92 21.20
CA LEU C 143 22.00 -11.99 21.15
C LEU C 143 21.47 -11.39 19.85
N PRO C 144 20.32 -11.90 19.38
CA PRO C 144 19.70 -11.41 18.14
C PRO C 144 19.08 -10.02 18.34
N MET C 145 19.42 -9.07 17.47
CA MET C 145 18.89 -7.70 17.52
C MET C 145 17.79 -7.53 16.48
N ARG C 146 17.89 -8.30 15.39
CA ARG C 146 16.91 -8.22 14.34
C ARG C 146 16.83 -9.55 13.63
N VAL C 147 15.63 -9.92 13.20
CA VAL C 147 15.39 -11.17 12.47
C VAL C 147 14.27 -10.93 11.47
N ASP C 148 14.54 -11.18 10.20
CA ASP C 148 13.53 -10.99 9.15
C ASP C 148 13.17 -12.35 8.57
N LEU C 149 11.87 -12.60 8.41
CA LEU C 149 11.43 -13.85 7.78
C LEU C 149 11.12 -13.45 6.33
N LEU C 150 11.74 -14.11 5.36
CA LEU C 150 11.49 -13.74 3.97
C LEU C 150 10.90 -14.84 3.13
N ASP C 151 10.12 -14.45 2.12
CA ASP C 151 9.51 -15.39 1.21
C ASP C 151 10.58 -15.85 0.24
N ARG C 152 10.34 -16.95 -0.48
CA ARG C 152 11.32 -17.46 -1.42
C ARG C 152 11.82 -16.42 -2.43
N ASP C 153 10.97 -15.44 -2.74
CA ASP C 153 11.33 -14.39 -3.69
C ASP C 153 11.59 -13.02 -3.06
N GLY C 154 12.07 -13.02 -1.81
CA GLY C 154 12.41 -11.78 -1.13
C GLY C 154 11.37 -10.94 -0.41
N GLU C 155 10.11 -11.34 -0.44
CA GLU C 155 9.07 -10.58 0.24
C GLU C 155 9.16 -10.76 1.75
N THR C 156 9.27 -9.65 2.49
CA THR C 156 9.36 -9.74 3.93
C THR C 156 8.00 -10.11 4.51
N LEU C 157 7.98 -11.22 5.24
CA LEU C 157 6.75 -11.71 5.83
C LEU C 157 6.61 -11.25 7.27
N GLU C 158 7.73 -11.09 7.96
CA GLU C 158 7.65 -10.72 9.36
C GLU C 158 8.99 -10.21 9.91
N GLN C 159 8.94 -9.27 10.85
CA GLN C 159 10.15 -8.72 11.45
C GLN C 159 10.18 -8.66 12.97
N PHE C 160 11.31 -9.07 13.51
CA PHE C 160 11.58 -9.05 14.93
C PHE C 160 12.68 -7.99 15.06
N ARG C 161 12.45 -6.93 15.82
CA ARG C 161 13.48 -5.90 15.97
C ARG C 161 13.63 -5.44 17.42
N VAL C 162 14.80 -5.65 17.99
CA VAL C 162 15.07 -5.20 19.34
C VAL C 162 15.25 -3.68 19.32
N ILE C 163 14.63 -2.97 20.28
CA ILE C 163 14.72 -1.52 20.36
C ILE C 163 15.61 -1.07 21.54
N ALA C 164 15.57 -1.85 22.61
CA ALA C 164 16.39 -1.63 23.79
C ALA C 164 16.59 -2.99 24.48
N PHE C 165 17.73 -3.16 25.14
CA PHE C 165 17.99 -4.40 25.85
C PHE C 165 19.12 -4.23 26.85
N ASN C 166 19.17 -5.15 27.81
CA ASN C 166 20.24 -5.15 28.80
C ASN C 166 20.60 -6.60 29.11
N VAL C 167 21.87 -6.82 29.42
CA VAL C 167 22.40 -8.14 29.76
C VAL C 167 22.86 -8.01 31.21
N ASN C 168 22.35 -8.87 32.08
CA ASN C 168 22.70 -8.82 33.51
C ASN C 168 23.18 -10.16 34.05
N GLN C 169 24.47 -10.26 34.38
CA GLN C 169 24.99 -11.52 34.92
C GLN C 169 24.26 -11.84 36.20
N ASP C 170 23.57 -10.82 36.71
CA ASP C 170 22.79 -10.88 37.94
C ASP C 170 21.31 -11.10 37.61
N ILE C 171 20.66 -12.00 38.34
CA ILE C 171 19.26 -12.30 38.12
C ILE C 171 18.28 -11.24 38.62
N SER C 172 17.35 -10.85 37.75
CA SER C 172 16.35 -9.85 38.08
C SER C 172 15.62 -10.29 39.33
N SER C 173 14.88 -9.36 39.94
CA SER C 173 14.11 -9.68 41.14
C SER C 173 12.77 -10.29 40.74
N SER C 174 12.12 -9.71 39.75
CA SER C 174 10.81 -10.20 39.29
C SER C 174 10.93 -11.62 38.75
N MET C 175 12.12 -11.98 38.29
CA MET C 175 12.36 -13.33 37.79
C MET C 175 12.50 -14.28 38.99
N GLN C 176 12.86 -13.70 40.13
CA GLN C 176 13.00 -14.46 41.36
C GLN C 176 11.60 -14.78 41.87
N THR C 177 10.66 -13.87 41.60
CA THR C 177 9.29 -14.07 42.01
C THR C 177 8.74 -15.23 41.17
N LEU C 178 9.02 -15.19 39.87
CA LEU C 178 8.55 -16.24 38.96
C LEU C 178 9.17 -17.57 39.40
N ALA C 179 10.35 -17.49 39.99
CA ALA C 179 11.04 -18.68 40.45
C ALA C 179 10.28 -19.41 41.56
N LYS C 180 9.54 -18.66 42.38
CA LYS C 180 8.79 -19.24 43.49
C LYS C 180 7.29 -19.33 43.23
N ALA C 181 6.85 -18.78 42.11
CA ALA C 181 5.42 -18.76 41.79
C ALA C 181 4.77 -20.12 41.54
N ASN C 182 3.49 -20.20 41.89
CA ASN C 182 2.72 -21.41 41.68
C ASN C 182 1.97 -21.18 40.37
N LEU C 183 2.39 -21.90 39.33
CA LEU C 183 1.79 -21.81 38.00
C LEU C 183 0.46 -22.55 37.87
N PRO C 184 -0.41 -22.12 36.94
CA PRO C 184 -1.72 -22.75 36.73
C PRO C 184 -1.63 -24.22 36.32
N PRO C 185 -2.77 -24.93 36.43
CA PRO C 185 -2.88 -26.35 36.10
C PRO C 185 -2.34 -26.74 34.72
N LEU C 186 -1.74 -27.93 34.65
CA LEU C 186 -1.20 -28.46 33.41
C LEU C 186 -2.38 -28.96 32.59
N LEU C 187 -2.22 -29.00 31.28
CA LEU C 187 -3.29 -29.48 30.42
C LEU C 187 -2.78 -30.61 29.54
N ALA C 195 0.90 -42.84 15.71
CA ALA C 195 -0.47 -43.16 15.34
C ALA C 195 -0.61 -43.40 13.84
N LYS C 196 -0.40 -44.64 13.42
CA LYS C 196 -0.48 -45.02 12.02
C LYS C 196 -1.73 -44.50 11.29
N PHE C 197 -1.48 -43.84 10.17
CA PHE C 197 -2.55 -43.28 9.33
C PHE C 197 -2.55 -43.99 7.97
N SER C 198 -3.62 -43.75 7.20
CA SER C 198 -3.79 -44.37 5.90
C SER C 198 -2.87 -43.87 4.77
N TRP C 199 -2.98 -42.59 4.46
CA TRP C 199 -2.21 -41.94 3.38
C TRP C 199 -0.80 -41.51 3.77
N THR C 200 0.03 -41.21 2.76
CA THR C 200 1.40 -40.76 3.00
C THR C 200 1.86 -39.74 1.96
N PRO C 201 2.54 -38.67 2.42
CA PRO C 201 3.04 -37.64 1.51
C PRO C 201 4.30 -38.14 0.81
N THR C 202 4.20 -38.38 -0.50
CA THR C 202 5.33 -38.88 -1.28
C THR C 202 6.48 -37.89 -1.48
N TRP C 203 6.19 -36.60 -1.31
CA TRP C 203 7.22 -35.58 -1.46
C TRP C 203 7.24 -34.61 -0.30
N LEU C 204 8.40 -34.50 0.34
CA LEU C 204 8.57 -33.59 1.45
C LEU C 204 9.86 -32.83 1.23
N PRO C 205 9.87 -31.53 1.53
CA PRO C 205 11.12 -30.80 1.33
C PRO C 205 12.22 -31.51 2.13
N GLN C 206 13.44 -31.47 1.60
CA GLN C 206 14.60 -32.09 2.24
C GLN C 206 14.74 -31.64 3.70
N GLY C 207 14.73 -32.60 4.62
CA GLY C 207 14.89 -32.27 6.02
C GLY C 207 13.66 -32.36 6.91
N PHE C 208 12.48 -32.39 6.31
CA PHE C 208 11.26 -32.48 7.09
C PHE C 208 11.01 -33.90 7.59
N SER C 209 10.54 -33.99 8.83
CA SER C 209 10.26 -35.28 9.46
C SER C 209 8.98 -35.17 10.27
N GLU C 210 8.23 -36.27 10.35
CA GLU C 210 7.01 -36.28 11.13
C GLU C 210 7.42 -36.22 12.60
N VAL C 211 6.61 -35.56 13.42
CA VAL C 211 6.92 -35.45 14.84
C VAL C 211 5.72 -35.86 15.69
N SER C 212 4.56 -35.97 15.05
CA SER C 212 3.35 -36.36 15.75
C SER C 212 2.17 -36.60 14.81
N SER C 213 1.08 -37.11 15.39
CA SER C 213 -0.13 -37.41 14.65
C SER C 213 -1.32 -37.24 15.57
N SER C 214 -2.50 -37.15 14.96
CA SER C 214 -3.70 -37.07 15.77
C SER C 214 -5.01 -37.04 14.99
N ARG C 215 -6.06 -36.67 15.71
CA ARG C 215 -7.37 -36.75 15.11
C ARG C 215 -8.48 -36.07 15.90
N ARG C 216 -9.51 -35.53 15.23
CA ARG C 216 -10.66 -34.92 15.93
C ARG C 216 -11.43 -33.94 15.06
N ILE C 226 -10.43 -35.00 12.20
CA ILE C 226 -9.82 -35.18 10.89
C ILE C 226 -8.45 -35.84 11.02
N GLU C 227 -7.95 -36.39 9.92
CA GLU C 227 -6.65 -37.04 9.92
C GLU C 227 -5.56 -35.98 9.72
N SER C 228 -4.80 -35.73 10.80
CA SER C 228 -3.75 -34.73 10.78
C SER C 228 -2.36 -35.25 11.15
N ARG C 229 -1.35 -34.77 10.45
CA ARG C 229 0.04 -35.14 10.70
C ARG C 229 0.88 -33.86 10.81
N LEU C 230 1.77 -33.81 11.79
CA LEU C 230 2.61 -32.62 11.96
C LEU C 230 4.04 -32.90 11.50
N TYR C 231 4.60 -31.94 10.77
CA TYR C 231 5.95 -32.07 10.26
C TYR C 231 6.80 -30.90 10.73
N SER C 232 8.12 -31.10 10.74
CA SER C 232 9.05 -30.07 11.17
C SER C 232 10.44 -30.43 10.70
N ASP C 233 11.20 -29.42 10.30
CA ASP C 233 12.57 -29.64 9.84
C ASP C 233 13.57 -29.06 10.84
N GLY C 234 13.06 -28.71 12.03
CA GLY C 234 13.90 -28.13 13.06
C GLY C 234 13.80 -26.61 13.14
N LEU C 235 13.15 -26.02 12.14
CA LEU C 235 13.00 -24.58 12.06
C LEU C 235 11.59 -24.17 11.69
N PHE C 236 11.04 -24.80 10.65
CA PHE C 236 9.69 -24.53 10.19
C PHE C 236 8.84 -25.75 10.43
N SER C 237 7.54 -25.55 10.63
CA SER C 237 6.63 -26.67 10.84
C SER C 237 5.30 -26.47 10.11
N PHE C 238 4.65 -27.57 9.77
CA PHE C 238 3.36 -27.50 9.11
C PHE C 238 2.57 -28.78 9.32
N SER C 239 1.24 -28.67 9.27
CA SER C 239 0.40 -29.83 9.43
C SER C 239 -0.29 -30.12 8.10
N VAL C 240 -0.42 -31.39 7.78
CA VAL C 240 -1.12 -31.78 6.56
C VAL C 240 -2.40 -32.48 7.04
N ASN C 241 -3.51 -31.77 6.93
CA ASN C 241 -4.81 -32.26 7.36
C ASN C 241 -5.61 -32.89 6.23
N VAL C 242 -6.17 -34.07 6.48
CA VAL C 242 -6.99 -34.74 5.47
C VAL C 242 -8.30 -35.25 6.06
N ASN C 243 -9.39 -34.83 5.43
CA ASN C 243 -10.72 -35.24 5.85
C ASN C 243 -11.45 -35.53 4.55
N ARG C 244 -12.36 -36.49 4.57
CA ARG C 244 -13.09 -36.82 3.36
C ARG C 244 -14.58 -36.49 3.45
N ALA C 245 -14.86 -35.21 3.28
CA ALA C 245 -16.21 -34.66 3.29
C ALA C 245 -16.15 -33.54 2.26
N THR C 246 -17.30 -33.05 1.81
CA THR C 246 -17.28 -31.98 0.80
C THR C 246 -18.58 -31.21 0.61
N PRO C 247 -18.89 -30.25 1.50
CA PRO C 247 -20.13 -29.50 1.31
C PRO C 247 -19.84 -28.53 0.16
N SER C 248 -19.08 -27.49 0.50
CA SER C 248 -18.68 -26.47 -0.47
C SER C 248 -17.17 -26.68 -0.64
N SER C 249 -16.64 -27.62 0.15
CA SER C 249 -15.23 -27.98 0.13
C SER C 249 -14.60 -27.72 -1.24
N THR C 250 -13.74 -26.71 -1.31
CA THR C 250 -13.10 -26.35 -2.58
C THR C 250 -11.62 -26.01 -2.53
N ASP C 251 -11.06 -25.83 -3.72
CA ASP C 251 -9.66 -25.48 -3.90
C ASP C 251 -9.44 -24.01 -3.55
N GLN C 252 -8.61 -23.75 -2.55
CA GLN C 252 -8.31 -22.39 -2.15
C GLN C 252 -6.94 -22.27 -1.49
N MET C 253 -6.44 -21.04 -1.43
CA MET C 253 -5.12 -20.78 -0.86
C MET C 253 -5.17 -19.44 -0.14
N LEU C 254 -4.72 -19.41 1.11
CA LEU C 254 -4.70 -18.17 1.88
C LEU C 254 -3.43 -18.04 2.70
N ARG C 255 -3.02 -16.81 2.97
CA ARG C 255 -1.81 -16.55 3.74
C ARG C 255 -2.01 -15.52 4.85
N THR C 256 -2.20 -15.98 6.07
CA THR C 256 -2.37 -15.04 7.19
C THR C 256 -0.96 -14.75 7.70
N GLY C 257 -0.23 -13.94 6.96
CA GLY C 257 1.12 -13.62 7.34
C GLY C 257 2.03 -14.73 6.88
N ARG C 258 2.87 -15.23 7.78
CA ARG C 258 3.79 -16.31 7.44
C ARG C 258 3.06 -17.65 7.37
N ARG C 259 1.89 -17.70 8.00
CA ARG C 259 1.08 -18.90 8.04
C ARG C 259 0.32 -19.09 6.73
N THR C 260 0.55 -20.24 6.09
CA THR C 260 -0.11 -20.55 4.83
C THR C 260 -1.15 -21.64 5.06
N VAL C 261 -2.23 -21.60 4.30
CA VAL C 261 -3.29 -22.59 4.38
C VAL C 261 -3.69 -22.94 2.96
N SER C 262 -3.21 -24.09 2.48
CA SER C 262 -3.52 -24.54 1.13
C SER C 262 -4.56 -25.66 1.19
N THR C 263 -5.68 -25.46 0.52
CA THR C 263 -6.75 -26.44 0.51
C THR C 263 -7.05 -26.92 -0.90
N SER C 264 -7.20 -28.23 -1.06
CA SER C 264 -7.50 -28.82 -2.36
C SER C 264 -8.33 -30.08 -2.18
N VAL C 265 -9.08 -30.46 -3.21
CA VAL C 265 -9.92 -31.65 -3.16
C VAL C 265 -9.61 -32.60 -4.30
N ARG C 266 -9.70 -33.89 -4.02
CA ARG C 266 -9.45 -34.92 -5.04
C ARG C 266 -9.70 -36.30 -4.45
N ASP C 267 -10.19 -37.21 -5.28
CA ASP C 267 -10.47 -38.57 -4.83
C ASP C 267 -11.47 -38.50 -3.68
N ASN C 268 -12.42 -37.58 -3.78
CA ASN C 268 -13.42 -37.41 -2.73
C ASN C 268 -12.72 -37.10 -1.42
N ALA C 269 -11.55 -36.48 -1.51
CA ALA C 269 -10.78 -36.15 -0.32
C ALA C 269 -10.28 -34.70 -0.32
N GLU C 270 -10.48 -34.03 0.81
CA GLU C 270 -10.04 -32.65 0.97
C GLU C 270 -8.66 -32.69 1.58
N ILE C 271 -7.73 -31.90 1.02
CA ILE C 271 -6.36 -31.87 1.50
C ILE C 271 -6.01 -30.46 1.95
N THR C 272 -5.88 -30.28 3.26
CA THR C 272 -5.56 -28.97 3.80
C THR C 272 -4.20 -28.93 4.49
N ILE C 273 -3.26 -28.21 3.90
CA ILE C 273 -1.93 -28.08 4.49
C ILE C 273 -1.87 -26.73 5.18
N VAL C 274 -1.44 -26.73 6.44
CA VAL C 274 -1.36 -25.49 7.21
C VAL C 274 0.04 -25.31 7.76
N GLY C 275 0.56 -24.09 7.69
CA GLY C 275 1.89 -23.86 8.22
C GLY C 275 2.80 -22.83 7.57
N GLU C 276 4.07 -22.98 7.91
CA GLU C 276 5.11 -22.08 7.45
C GLU C 276 5.76 -22.52 6.15
N LEU C 277 4.97 -22.57 5.10
CA LEU C 277 5.51 -22.97 3.81
C LEU C 277 5.03 -22.04 2.73
N PRO C 278 5.85 -21.82 1.71
CA PRO C 278 5.43 -20.95 0.62
C PRO C 278 4.25 -21.68 -0.04
N PRO C 279 3.30 -20.93 -0.61
CA PRO C 279 2.13 -21.55 -1.26
C PRO C 279 2.47 -22.65 -2.28
N GLN C 280 3.40 -22.38 -3.19
CA GLN C 280 3.78 -23.37 -4.20
C GLN C 280 4.18 -24.67 -3.50
N THR C 281 5.10 -24.56 -2.54
CA THR C 281 5.58 -25.73 -1.78
C THR C 281 4.46 -26.52 -1.11
N ALA C 282 3.51 -25.83 -0.51
CA ALA C 282 2.40 -26.48 0.16
C ALA C 282 1.55 -27.23 -0.88
N LYS C 283 1.20 -26.55 -1.97
CA LYS C 283 0.41 -27.16 -3.01
C LYS C 283 1.03 -28.45 -3.50
N ARG C 284 2.34 -28.43 -3.74
CA ARG C 284 3.03 -29.61 -4.22
C ARG C 284 2.86 -30.79 -3.28
N ILE C 285 2.95 -30.53 -1.97
CA ILE C 285 2.79 -31.59 -1.00
C ILE C 285 1.39 -32.21 -1.09
N ALA C 286 0.38 -31.35 -1.13
CA ALA C 286 -1.01 -31.81 -1.20
C ALA C 286 -1.23 -32.76 -2.37
N GLU C 287 -0.67 -32.41 -3.53
CA GLU C 287 -0.83 -33.21 -4.74
C GLU C 287 -0.05 -34.52 -4.71
N ASN C 288 1.15 -34.49 -4.11
CA ASN C 288 1.98 -35.69 -4.05
C ASN C 288 1.64 -36.66 -2.92
N ILE C 289 0.42 -36.56 -2.41
CA ILE C 289 -0.01 -37.48 -1.35
C ILE C 289 -0.57 -38.73 -2.02
N LYS C 290 -0.08 -39.89 -1.62
CA LYS C 290 -0.56 -41.14 -2.19
C LYS C 290 -1.55 -41.76 -1.21
N PHE C 291 -2.83 -41.66 -1.55
CA PHE C 291 -3.90 -42.18 -0.70
C PHE C 291 -3.92 -43.70 -0.56
N GLY C 292 -4.35 -44.16 0.61
CA GLY C 292 -4.44 -45.58 0.86
C GLY C 292 -5.76 -46.14 0.35
N THR D 1 -15.01 32.07 -13.75
CA THR D 1 -15.01 31.48 -15.07
C THR D 1 -16.42 30.92 -15.34
N PRO D 2 -17.39 31.81 -15.63
CA PRO D 2 -18.80 31.48 -15.89
C PRO D 2 -19.02 30.38 -16.93
N ALA D 3 -18.08 30.26 -17.86
CA ALA D 3 -18.16 29.25 -18.91
C ALA D 3 -18.22 27.85 -18.27
N SER D 4 -17.69 27.74 -17.05
CA SER D 4 -17.68 26.47 -16.33
C SER D 4 -19.09 26.01 -15.99
N GLY D 5 -19.95 26.95 -15.63
CA GLY D 5 -21.31 26.58 -15.30
C GLY D 5 -22.10 26.23 -16.54
N ALA D 6 -21.72 26.83 -17.66
CA ALA D 6 -22.39 26.59 -18.92
C ALA D 6 -22.03 25.21 -19.46
N LEU D 7 -20.75 24.85 -19.30
CA LEU D 7 -20.25 23.54 -19.74
C LEU D 7 -20.88 22.38 -18.97
N LEU D 8 -20.99 22.52 -17.65
CA LEU D 8 -21.57 21.44 -16.80
C LEU D 8 -23.02 21.27 -17.19
N GLN D 9 -23.66 22.39 -17.49
CA GLN D 9 -25.05 22.42 -17.91
C GLN D 9 -25.22 21.57 -19.19
N GLN D 10 -24.33 21.78 -20.16
CA GLN D 10 -24.34 21.06 -21.43
C GLN D 10 -24.07 19.58 -21.24
N MET D 11 -23.24 19.23 -20.27
CA MET D 11 -22.94 17.82 -19.99
C MET D 11 -24.19 17.13 -19.44
N ASN D 12 -24.86 17.79 -18.51
CA ASN D 12 -26.07 17.22 -17.93
C ASN D 12 -27.10 17.02 -19.04
N LEU D 13 -27.30 18.05 -19.86
CA LEU D 13 -28.27 17.98 -20.94
C LEU D 13 -27.94 16.81 -21.87
N ALA D 14 -26.72 16.80 -22.40
CA ALA D 14 -26.30 15.72 -23.28
C ALA D 14 -26.59 14.35 -22.66
N SER D 15 -26.35 14.23 -21.36
CA SER D 15 -26.55 12.98 -20.65
C SER D 15 -28.02 12.57 -20.59
N GLN D 16 -28.92 13.53 -20.68
CA GLN D 16 -30.34 13.24 -20.64
C GLN D 16 -31.01 13.18 -22.02
N SER D 17 -30.41 13.87 -22.98
CA SER D 17 -30.97 13.97 -24.33
C SER D 17 -30.45 12.99 -25.38
N LEU D 18 -29.16 12.69 -25.35
CA LEU D 18 -28.57 11.80 -26.35
C LEU D 18 -28.79 10.32 -26.14
N ASN D 19 -28.55 9.56 -27.21
CA ASN D 19 -28.63 8.11 -27.19
C ASN D 19 -27.15 7.77 -27.30
N TYR D 20 -26.65 7.04 -26.30
CA TYR D 20 -25.23 6.71 -26.31
C TYR D 20 -24.99 5.49 -25.46
N GLU D 21 -23.75 5.01 -25.50
CA GLU D 21 -23.39 3.86 -24.72
C GLU D 21 -22.04 4.17 -24.12
N LEU D 22 -21.90 3.94 -22.82
CA LEU D 22 -20.63 4.17 -22.17
C LEU D 22 -20.11 2.87 -21.57
N SER D 23 -18.91 2.46 -21.98
CA SER D 23 -18.23 1.26 -21.46
C SER D 23 -17.22 1.84 -20.48
N PHE D 24 -17.38 1.57 -19.18
CA PHE D 24 -16.48 2.19 -18.22
C PHE D 24 -16.13 1.38 -16.99
N ILE D 25 -15.18 1.90 -16.22
CA ILE D 25 -14.78 1.29 -14.96
C ILE D 25 -15.13 2.21 -13.79
N SER D 26 -15.37 1.61 -12.63
CA SER D 26 -15.67 2.33 -11.40
C SER D 26 -14.56 1.87 -10.48
N ILE D 27 -13.84 2.82 -9.91
CA ILE D 27 -12.71 2.52 -9.07
C ILE D 27 -12.76 3.13 -7.70
N ASN D 28 -12.64 2.28 -6.69
CA ASN D 28 -12.56 2.74 -5.31
C ASN D 28 -11.54 1.82 -4.65
N LYS D 29 -11.38 1.89 -3.33
CA LYS D 29 -10.41 1.03 -2.68
C LYS D 29 -10.79 -0.45 -2.74
N GLN D 30 -12.06 -0.74 -3.00
CA GLN D 30 -12.50 -2.12 -3.11
C GLN D 30 -12.05 -2.77 -4.41
N GLY D 31 -11.64 -1.96 -5.39
CA GLY D 31 -11.20 -2.52 -6.66
C GLY D 31 -11.67 -1.80 -7.91
N VAL D 32 -11.49 -2.47 -9.05
CA VAL D 32 -11.85 -1.94 -10.36
C VAL D 32 -12.98 -2.77 -10.96
N GLU D 33 -14.14 -2.15 -11.12
CA GLU D 33 -15.33 -2.81 -11.64
C GLU D 33 -15.69 -2.42 -13.10
N SER D 34 -15.92 -3.44 -13.90
CA SER D 34 -16.26 -3.25 -15.31
C SER D 34 -17.77 -3.03 -15.48
N LEU D 35 -18.16 -1.90 -16.08
CA LEU D 35 -19.57 -1.58 -16.28
C LEU D 35 -19.94 -1.03 -17.66
N ARG D 36 -21.24 -1.03 -17.95
CA ARG D 36 -21.73 -0.50 -19.21
C ARG D 36 -23.08 0.16 -18.98
N TYR D 37 -23.22 1.40 -19.42
CA TYR D 37 -24.48 2.11 -19.27
C TYR D 37 -24.97 2.50 -20.65
N ARG D 38 -26.21 2.15 -20.95
CA ARG D 38 -26.83 2.48 -22.22
C ARG D 38 -27.96 3.44 -21.94
N HIS D 39 -27.93 4.59 -22.61
CA HIS D 39 -28.97 5.60 -22.45
C HIS D 39 -29.66 5.92 -23.79
N ALA D 40 -30.98 5.99 -23.77
CA ALA D 40 -31.74 6.33 -24.97
C ALA D 40 -32.94 7.15 -24.58
N ARG D 41 -33.62 7.66 -25.60
CA ARG D 41 -34.80 8.48 -25.42
C ARG D 41 -35.79 8.09 -26.51
N LEU D 42 -36.90 7.50 -26.11
CA LEU D 42 -37.93 7.11 -27.06
C LEU D 42 -39.18 7.91 -26.75
N ASP D 43 -39.68 8.64 -27.76
CA ASP D 43 -40.85 9.50 -27.63
C ASP D 43 -40.81 10.31 -26.33
N ASN D 44 -39.68 10.99 -26.14
CA ASN D 44 -39.42 11.84 -24.98
C ASN D 44 -39.56 11.09 -23.66
N ARG D 45 -39.27 9.79 -23.69
CA ARG D 45 -39.34 8.94 -22.50
C ARG D 45 -38.00 8.23 -22.33
N PRO D 46 -37.24 8.56 -21.28
CA PRO D 46 -35.94 7.92 -21.02
C PRO D 46 -35.90 6.40 -20.89
N LEU D 47 -34.88 5.81 -21.50
CA LEU D 47 -34.62 4.37 -21.47
C LEU D 47 -33.14 4.20 -21.09
N ALA D 48 -32.85 3.29 -20.16
CA ALA D 48 -31.46 3.09 -19.76
C ALA D 48 -31.15 1.71 -19.19
N GLN D 49 -29.91 1.28 -19.34
CA GLN D 49 -29.47 -0.02 -18.82
C GLN D 49 -28.06 0.10 -18.24
N LEU D 50 -27.90 -0.41 -17.03
CA LEU D 50 -26.60 -0.44 -16.38
C LEU D 50 -26.34 -1.93 -16.22
N LEU D 51 -25.28 -2.42 -16.84
CA LEU D 51 -24.95 -3.83 -16.79
C LEU D 51 -23.56 -4.13 -16.21
N GLN D 52 -23.50 -5.09 -15.29
CA GLN D 52 -22.22 -5.50 -14.71
C GLN D 52 -21.64 -6.41 -15.78
N MET D 53 -20.42 -6.11 -16.22
CA MET D 53 -19.82 -6.89 -17.30
C MET D 53 -19.14 -8.21 -16.97
N ASP D 54 -18.63 -8.35 -15.76
CA ASP D 54 -17.95 -9.59 -15.41
C ASP D 54 -18.70 -10.26 -14.27
N GLY D 55 -18.57 -11.58 -14.20
CA GLY D 55 -19.24 -12.34 -13.15
C GLY D 55 -20.74 -12.42 -13.26
N PRO D 56 -21.47 -12.40 -12.14
CA PRO D 56 -22.93 -12.47 -12.16
C PRO D 56 -23.46 -11.42 -13.11
N ARG D 57 -24.45 -11.79 -13.92
CA ARG D 57 -25.04 -10.85 -14.86
C ARG D 57 -26.03 -9.91 -14.15
N ARG D 58 -25.52 -9.09 -13.25
CA ARG D 58 -26.32 -8.12 -12.51
C ARG D 58 -26.76 -7.00 -13.45
N GLU D 59 -27.97 -6.47 -13.25
CA GLU D 59 -28.48 -5.44 -14.15
C GLU D 59 -29.57 -4.50 -13.64
N VAL D 60 -29.48 -3.23 -14.03
CA VAL D 60 -30.48 -2.24 -13.64
C VAL D 60 -30.97 -1.53 -14.91
N VAL D 61 -32.29 -1.49 -15.10
CA VAL D 61 -32.88 -0.84 -16.27
C VAL D 61 -33.78 0.32 -15.87
N GLN D 62 -33.98 1.24 -16.78
CA GLN D 62 -34.83 2.40 -16.52
C GLN D 62 -35.77 2.64 -17.70
N ARG D 63 -37.05 2.85 -17.37
CA ARG D 63 -38.05 3.12 -18.40
C ARG D 63 -39.00 4.15 -17.79
N GLY D 64 -38.92 5.38 -18.29
CA GLY D 64 -39.75 6.43 -17.75
C GLY D 64 -39.27 6.64 -16.33
N ASN D 65 -40.19 6.83 -15.40
CA ASN D 65 -39.79 7.05 -14.01
C ASN D 65 -39.81 5.74 -13.22
N GLU D 66 -39.50 4.64 -13.93
CA GLU D 66 -39.46 3.32 -13.32
C GLU D 66 -38.10 2.65 -13.48
N ILE D 67 -37.51 2.22 -12.36
CA ILE D 67 -36.22 1.56 -12.39
C ILE D 67 -36.34 0.14 -11.86
N SER D 68 -35.96 -0.83 -12.69
CA SER D 68 -36.06 -2.25 -12.32
C SER D 68 -34.70 -2.92 -12.11
N TYR D 69 -34.60 -3.71 -11.04
CA TYR D 69 -33.37 -4.40 -10.68
C TYR D 69 -33.43 -5.90 -10.95
N PHE D 70 -32.42 -6.40 -11.67
CA PHE D 70 -32.32 -7.81 -11.99
C PHE D 70 -30.99 -8.35 -11.46
N GLU D 71 -31.07 -9.45 -10.74
CA GLU D 71 -29.90 -10.09 -10.17
C GLU D 71 -30.28 -11.56 -9.89
N PRO D 72 -29.75 -12.49 -10.71
CA PRO D 72 -29.97 -13.94 -10.65
C PRO D 72 -30.15 -14.55 -9.26
N GLY D 73 -31.32 -15.13 -9.03
CA GLY D 73 -31.61 -15.75 -7.74
C GLY D 73 -32.30 -14.84 -6.75
N LEU D 74 -32.42 -13.56 -7.08
CA LEU D 74 -33.08 -12.60 -6.20
C LEU D 74 -34.34 -12.10 -6.90
N GLU D 75 -35.36 -11.76 -6.13
CA GLU D 75 -36.62 -11.29 -6.70
C GLU D 75 -36.53 -9.90 -7.32
N PRO D 76 -36.83 -9.80 -8.63
CA PRO D 76 -36.79 -8.52 -9.35
C PRO D 76 -37.83 -7.58 -8.78
N PHE D 77 -37.59 -6.28 -8.93
CA PHE D 77 -38.52 -5.29 -8.43
C PHE D 77 -38.29 -3.95 -9.12
N THR D 78 -39.28 -3.07 -9.04
CA THR D 78 -39.19 -1.77 -9.65
C THR D 78 -39.48 -0.71 -8.61
N LEU D 79 -38.94 0.48 -8.84
CA LEU D 79 -39.13 1.60 -7.94
C LEU D 79 -39.20 2.83 -8.83
N ASN D 80 -39.87 3.86 -8.34
CA ASN D 80 -39.96 5.09 -9.10
C ASN D 80 -38.58 5.71 -9.04
N GLY D 81 -38.25 6.55 -10.01
CA GLY D 81 -36.95 7.20 -10.00
C GLY D 81 -36.66 7.87 -11.32
N ASP D 82 -36.07 9.06 -11.27
CA ASP D 82 -35.76 9.80 -12.49
C ASP D 82 -34.49 9.27 -13.16
N TYR D 83 -33.65 8.56 -12.41
CA TYR D 83 -32.41 8.02 -12.95
C TYR D 83 -31.84 6.87 -12.14
N ILE D 84 -31.04 6.04 -12.80
CA ILE D 84 -30.40 4.90 -12.16
C ILE D 84 -29.29 5.37 -11.24
N VAL D 85 -29.50 5.23 -9.94
CA VAL D 85 -28.51 5.65 -8.96
C VAL D 85 -27.26 4.77 -8.99
N ASP D 86 -26.10 5.41 -9.07
CA ASP D 86 -24.81 4.75 -9.12
C ASP D 86 -24.43 4.16 -10.48
N SER D 87 -25.12 4.57 -11.53
CA SER D 87 -24.82 4.13 -12.90
C SER D 87 -23.81 5.14 -13.42
N LEU D 88 -24.06 6.40 -13.10
CA LEU D 88 -23.17 7.49 -13.46
C LEU D 88 -22.97 8.18 -12.12
N PRO D 89 -21.93 9.01 -12.01
CA PRO D 89 -21.73 9.69 -10.72
C PRO D 89 -22.85 10.71 -10.51
N SER D 90 -23.25 10.90 -9.26
CA SER D 90 -24.33 11.85 -8.94
C SER D 90 -24.16 13.18 -9.66
N LEU D 91 -22.92 13.60 -9.85
CA LEU D 91 -22.62 14.84 -10.52
C LEU D 91 -23.33 14.94 -11.86
N ILE D 92 -23.51 13.81 -12.52
CA ILE D 92 -24.15 13.77 -13.83
C ILE D 92 -25.66 14.00 -13.84
N TYR D 93 -26.31 13.81 -12.71
CA TYR D 93 -27.76 14.01 -12.65
C TYR D 93 -28.14 15.23 -11.82
N THR D 94 -27.18 16.07 -11.49
CA THR D 94 -27.47 17.23 -10.66
C THR D 94 -27.81 18.53 -11.38
N ASP D 95 -28.66 19.33 -10.73
CA ASP D 95 -29.10 20.62 -11.24
C ASP D 95 -28.07 21.67 -10.83
N PHE D 96 -27.16 21.99 -11.75
CA PHE D 96 -26.10 22.96 -11.50
C PHE D 96 -26.57 24.40 -11.27
N LYS D 97 -27.83 24.69 -11.55
CA LYS D 97 -28.31 26.05 -11.33
C LYS D 97 -28.63 26.26 -9.85
N ARG D 98 -29.29 25.26 -9.24
CA ARG D 98 -29.64 25.30 -7.82
C ARG D 98 -28.39 25.32 -6.94
N LEU D 99 -27.33 24.69 -7.45
CA LEU D 99 -26.06 24.56 -6.75
C LEU D 99 -25.15 25.79 -6.75
N SER D 100 -25.26 26.63 -7.79
CA SER D 100 -24.40 27.81 -7.93
C SER D 100 -24.35 28.76 -6.72
N PRO D 101 -25.46 28.88 -5.98
CA PRO D 101 -25.39 29.80 -4.84
C PRO D 101 -24.34 29.39 -3.79
N TYR D 102 -24.10 28.10 -3.67
CA TYR D 102 -23.12 27.62 -2.69
C TYR D 102 -21.94 26.80 -3.21
N TYR D 103 -21.91 26.55 -4.51
CA TYR D 103 -20.80 25.81 -5.10
C TYR D 103 -19.97 26.67 -6.06
N ASP D 104 -18.70 26.34 -6.19
CA ASP D 104 -17.81 27.04 -7.12
C ASP D 104 -17.45 26.09 -8.25
N PHE D 105 -17.75 26.50 -9.48
CA PHE D 105 -17.46 25.69 -10.66
C PHE D 105 -16.16 26.26 -11.22
N ILE D 106 -15.06 25.56 -10.97
CA ILE D 106 -13.75 26.03 -11.42
C ILE D 106 -13.13 25.32 -12.62
N SER D 107 -12.79 26.10 -13.63
CA SER D 107 -12.17 25.56 -14.82
C SER D 107 -10.72 25.22 -14.46
N VAL D 108 -10.34 23.96 -14.66
CA VAL D 108 -8.99 23.56 -14.34
C VAL D 108 -8.17 23.54 -15.62
N GLY D 109 -8.87 23.47 -16.75
CA GLY D 109 -8.19 23.45 -18.04
C GLY D 109 -8.77 22.44 -19.01
N ARG D 110 -7.93 21.98 -19.93
CA ARG D 110 -8.36 21.01 -20.94
C ARG D 110 -7.26 19.97 -21.05
N THR D 111 -7.65 18.74 -21.31
CA THR D 111 -6.67 17.66 -21.41
C THR D 111 -7.27 16.49 -22.17
N ARG D 112 -6.46 15.49 -22.43
CA ARG D 112 -6.91 14.34 -23.18
C ARG D 112 -7.32 13.16 -22.29
N ILE D 113 -8.50 12.63 -22.57
CA ILE D 113 -9.08 11.51 -21.84
C ILE D 113 -9.90 10.67 -22.83
N ALA D 114 -9.58 9.38 -22.94
CA ALA D 114 -10.28 8.45 -23.84
C ALA D 114 -10.26 8.92 -25.28
N ASP D 115 -9.10 9.41 -25.71
CA ASP D 115 -8.88 9.93 -27.04
C ASP D 115 -9.80 11.10 -27.37
N ARG D 116 -10.08 11.94 -26.38
CA ARG D 116 -10.91 13.11 -26.61
C ARG D 116 -10.35 14.32 -25.90
N LEU D 117 -10.56 15.49 -26.48
CA LEU D 117 -10.13 16.72 -25.84
C LEU D 117 -11.28 17.02 -24.90
N CYS D 118 -10.98 17.18 -23.62
CA CYS D 118 -12.01 17.42 -22.61
C CYS D 118 -11.80 18.70 -21.79
N GLU D 119 -12.90 19.31 -21.37
CA GLU D 119 -12.82 20.47 -20.51
C GLU D 119 -12.74 19.87 -19.10
N VAL D 120 -11.73 20.29 -18.33
CA VAL D 120 -11.57 19.79 -16.97
C VAL D 120 -12.16 20.77 -15.98
N ILE D 121 -13.15 20.33 -15.22
CA ILE D 121 -13.79 21.20 -14.25
C ILE D 121 -13.80 20.65 -12.81
N ARG D 122 -13.65 21.56 -11.85
CA ARG D 122 -13.66 21.22 -10.42
C ARG D 122 -14.94 21.75 -9.81
N VAL D 123 -15.64 20.92 -9.06
CA VAL D 123 -16.90 21.32 -8.43
C VAL D 123 -16.69 21.27 -6.94
N VAL D 124 -16.72 22.42 -6.28
CA VAL D 124 -16.46 22.51 -4.86
C VAL D 124 -17.45 23.38 -4.09
N ALA D 125 -17.97 22.82 -2.99
CA ALA D 125 -18.89 23.55 -2.13
C ALA D 125 -18.07 24.66 -1.48
N ARG D 126 -18.58 25.88 -1.53
CA ARG D 126 -17.87 27.03 -0.95
C ARG D 126 -17.54 26.98 0.53
N ASP D 127 -18.47 26.53 1.38
CA ASP D 127 -18.18 26.50 2.81
C ASP D 127 -17.03 25.55 3.16
N GLY D 128 -16.64 24.74 2.17
CA GLY D 128 -15.53 23.81 2.35
C GLY D 128 -15.78 22.60 3.21
N THR D 129 -17.05 22.30 3.47
CA THR D 129 -17.42 21.16 4.31
C THR D 129 -17.67 19.84 3.57
N ARG D 130 -17.55 19.83 2.25
CA ARG D 130 -17.83 18.61 1.52
C ARG D 130 -16.74 18.04 0.65
N TYR D 131 -17.04 16.86 0.10
CA TYR D 131 -16.14 16.18 -0.83
C TYR D 131 -16.25 17.02 -2.09
N SER D 132 -15.24 16.99 -2.94
CA SER D 132 -15.33 17.76 -4.18
C SER D 132 -15.22 16.85 -5.41
N TYR D 133 -15.80 17.30 -6.51
CA TYR D 133 -15.76 16.54 -7.74
C TYR D 133 -14.87 17.24 -8.77
N ILE D 134 -14.21 16.45 -9.59
CA ILE D 134 -13.43 17.00 -10.69
C ILE D 134 -13.98 16.22 -11.84
N VAL D 135 -14.36 16.89 -12.91
CA VAL D 135 -14.90 16.18 -14.04
C VAL D 135 -14.23 16.59 -15.32
N TRP D 136 -13.99 15.60 -16.18
CA TRP D 136 -13.38 15.77 -17.49
C TRP D 136 -14.50 15.51 -18.50
N MET D 137 -14.92 16.53 -19.23
CA MET D 137 -15.98 16.30 -20.21
C MET D 137 -15.52 16.50 -21.63
N ASP D 138 -16.04 15.63 -22.49
CA ASP D 138 -15.73 15.62 -23.92
C ASP D 138 -16.21 16.91 -24.55
N THR D 139 -15.28 17.67 -25.11
CA THR D 139 -15.65 18.95 -25.72
C THR D 139 -16.65 18.79 -26.85
N GLU D 140 -16.68 17.62 -27.49
CA GLU D 140 -17.60 17.40 -28.60
C GLU D 140 -19.00 16.93 -28.22
N SER D 141 -19.12 15.75 -27.62
CA SER D 141 -20.46 15.27 -27.23
C SER D 141 -20.96 15.88 -25.94
N LYS D 142 -20.02 16.33 -25.10
CA LYS D 142 -20.31 16.92 -23.79
C LYS D 142 -20.51 15.82 -22.72
N LEU D 143 -20.40 14.57 -23.14
CA LEU D 143 -20.56 13.46 -22.21
C LEU D 143 -19.41 13.35 -21.22
N PRO D 144 -19.71 12.91 -19.99
CA PRO D 144 -18.66 12.77 -18.98
C PRO D 144 -17.72 11.63 -19.38
N MET D 145 -16.42 11.93 -19.42
CA MET D 145 -15.41 10.95 -19.80
C MET D 145 -14.71 10.48 -18.55
N ARG D 146 -14.61 11.34 -17.55
CA ARG D 146 -13.97 10.97 -16.29
C ARG D 146 -14.53 11.79 -15.13
N VAL D 147 -14.67 11.15 -13.98
CA VAL D 147 -15.17 11.83 -12.78
C VAL D 147 -14.44 11.30 -11.54
N ASP D 148 -13.75 12.19 -10.85
CA ASP D 148 -13.03 11.84 -9.62
C ASP D 148 -13.76 12.48 -8.45
N LEU D 149 -14.05 11.69 -7.40
CA LEU D 149 -14.70 12.20 -6.19
C LEU D 149 -13.56 12.37 -5.18
N LEU D 150 -13.34 13.59 -4.70
CA LEU D 150 -12.22 13.81 -3.78
C LEU D 150 -12.60 14.25 -2.37
N ASP D 151 -11.80 13.81 -1.40
CA ASP D 151 -12.01 14.17 0.00
C ASP D 151 -11.62 15.63 0.15
N ARG D 152 -12.08 16.27 1.23
CA ARG D 152 -11.76 17.69 1.46
C ARG D 152 -10.28 18.03 1.34
N ASP D 153 -9.43 17.06 1.66
CA ASP D 153 -8.00 17.29 1.59
C ASP D 153 -7.29 16.64 0.41
N GLY D 154 -8.03 16.40 -0.67
CA GLY D 154 -7.43 15.84 -1.87
C GLY D 154 -7.34 14.34 -2.09
N GLU D 155 -7.76 13.55 -1.12
CA GLU D 155 -7.72 12.10 -1.25
C GLU D 155 -8.81 11.64 -2.21
N THR D 156 -8.45 10.89 -3.25
CA THR D 156 -9.42 10.39 -4.21
C THR D 156 -10.21 9.26 -3.55
N LEU D 157 -11.53 9.39 -3.56
CA LEU D 157 -12.38 8.38 -2.96
C LEU D 157 -12.97 7.44 -3.99
N GLU D 158 -13.20 7.95 -5.19
CA GLU D 158 -13.85 7.15 -6.21
C GLU D 158 -13.57 7.70 -7.61
N GLN D 159 -13.38 6.83 -8.60
CA GLN D 159 -13.17 7.25 -9.98
C GLN D 159 -14.10 6.54 -10.95
N PHE D 160 -14.64 7.32 -11.87
CA PHE D 160 -15.52 6.85 -12.94
C PHE D 160 -14.68 7.16 -14.18
N ARG D 161 -14.33 6.15 -14.95
CA ARG D 161 -13.53 6.43 -16.15
C ARG D 161 -14.06 5.70 -17.36
N VAL D 162 -14.46 6.46 -18.38
CA VAL D 162 -14.97 5.88 -19.61
C VAL D 162 -13.79 5.33 -20.38
N ILE D 163 -13.96 4.11 -20.89
CA ILE D 163 -12.90 3.45 -21.65
C ILE D 163 -13.25 3.42 -23.15
N ALA D 164 -14.53 3.33 -23.46
CA ALA D 164 -15.02 3.34 -24.84
C ALA D 164 -16.45 3.82 -24.80
N PHE D 165 -16.87 4.52 -25.84
CA PHE D 165 -18.23 5.02 -25.93
C PHE D 165 -18.56 5.37 -27.36
N ASN D 166 -19.86 5.49 -27.63
CA ASN D 166 -20.33 5.87 -28.95
C ASN D 166 -21.70 6.54 -28.78
N VAL D 167 -21.93 7.57 -29.57
CA VAL D 167 -23.17 8.33 -29.56
C VAL D 167 -23.90 7.98 -30.85
N ASN D 168 -25.16 7.59 -30.74
CA ASN D 168 -25.93 7.22 -31.92
C ASN D 168 -27.30 7.88 -31.97
N GLN D 169 -27.45 8.78 -32.93
CA GLN D 169 -28.70 9.50 -33.14
C GLN D 169 -29.83 8.48 -33.26
N ASP D 170 -29.44 7.23 -33.52
CA ASP D 170 -30.37 6.12 -33.69
C ASP D 170 -30.62 5.33 -32.41
N ILE D 171 -31.90 5.12 -32.07
CA ILE D 171 -32.21 4.30 -30.90
C ILE D 171 -31.77 2.91 -31.38
N SER D 172 -31.39 2.03 -30.47
CA SER D 172 -30.95 0.70 -30.88
C SER D 172 -31.94 -0.42 -30.64
N SER D 173 -31.55 -1.63 -31.04
CA SER D 173 -32.37 -2.82 -30.91
C SER D 173 -32.54 -3.30 -29.48
N SER D 174 -31.50 -3.10 -28.67
CA SER D 174 -31.56 -3.52 -27.27
C SER D 174 -32.42 -2.58 -26.45
N MET D 175 -32.36 -1.30 -26.78
CA MET D 175 -33.14 -0.31 -26.06
C MET D 175 -34.59 -0.35 -26.51
N GLN D 176 -34.82 -0.94 -27.68
CA GLN D 176 -36.17 -1.05 -28.23
C GLN D 176 -36.87 -2.21 -27.54
N THR D 177 -36.12 -3.28 -27.28
CA THR D 177 -36.67 -4.44 -26.61
C THR D 177 -37.02 -4.06 -25.17
N LEU D 178 -36.26 -3.13 -24.60
CA LEU D 178 -36.52 -2.67 -23.23
C LEU D 178 -37.72 -1.74 -23.23
N ALA D 179 -37.92 -1.06 -24.35
CA ALA D 179 -39.05 -0.14 -24.48
C ALA D 179 -40.37 -0.90 -24.35
N LYS D 180 -40.40 -2.11 -24.90
CA LYS D 180 -41.59 -2.95 -24.85
C LYS D 180 -41.42 -3.98 -23.74
N ALA D 181 -40.30 -3.86 -23.03
CA ALA D 181 -39.95 -4.77 -21.95
C ALA D 181 -41.01 -5.04 -20.89
N ASN D 182 -40.94 -6.25 -20.34
CA ASN D 182 -41.82 -6.70 -19.28
C ASN D 182 -41.12 -6.34 -17.97
N LEU D 183 -41.76 -5.50 -17.14
CA LEU D 183 -41.16 -5.07 -15.89
C LEU D 183 -41.82 -5.62 -14.63
N PRO D 184 -41.00 -6.01 -13.64
CA PRO D 184 -41.45 -6.57 -12.35
C PRO D 184 -42.30 -5.60 -11.53
N PRO D 185 -42.99 -6.11 -10.49
CA PRO D 185 -43.85 -5.30 -9.62
C PRO D 185 -43.16 -4.09 -8.95
N LEU D 186 -43.95 -3.03 -8.76
CA LEU D 186 -43.46 -1.78 -8.19
C LEU D 186 -43.67 -1.55 -6.68
N LEU D 187 -43.29 -0.34 -6.25
CA LEU D 187 -43.39 0.19 -4.88
C LEU D 187 -42.09 0.90 -4.53
N SER D 198 -38.91 15.38 16.86
CA SER D 198 -38.54 16.27 17.96
C SER D 198 -37.19 16.91 17.71
N TRP D 199 -36.12 16.18 18.04
CA TRP D 199 -34.74 16.64 17.86
C TRP D 199 -34.55 17.32 16.50
N THR D 200 -33.55 18.20 16.40
CA THR D 200 -33.28 18.89 15.14
C THR D 200 -31.85 19.37 14.92
N PRO D 201 -31.30 19.10 13.72
CA PRO D 201 -29.94 19.50 13.34
C PRO D 201 -29.77 21.01 13.36
N THR D 202 -29.16 21.53 14.41
CA THR D 202 -28.96 22.96 14.53
C THR D 202 -28.04 23.45 13.42
N TRP D 203 -27.09 22.60 13.04
CA TRP D 203 -26.12 22.94 12.00
C TRP D 203 -26.12 21.96 10.84
N LEU D 204 -26.09 22.51 9.63
CA LEU D 204 -26.06 21.72 8.40
C LEU D 204 -25.17 22.50 7.44
N PRO D 205 -24.36 21.79 6.61
CA PRO D 205 -23.53 22.58 5.70
C PRO D 205 -24.48 23.41 4.83
N GLN D 206 -24.03 24.58 4.40
CA GLN D 206 -24.88 25.42 3.58
C GLN D 206 -25.37 24.76 2.31
N GLY D 207 -26.69 24.68 2.16
CA GLY D 207 -27.26 24.10 0.96
C GLY D 207 -28.08 22.85 1.15
N PHE D 208 -27.89 22.15 2.26
CA PHE D 208 -28.66 20.93 2.51
C PHE D 208 -30.05 21.24 3.04
N SER D 209 -30.99 20.38 2.68
CA SER D 209 -32.38 20.51 3.11
C SER D 209 -32.93 19.10 3.25
N GLU D 210 -33.89 18.92 4.14
CA GLU D 210 -34.49 17.60 4.34
C GLU D 210 -35.36 17.31 3.13
N VAL D 211 -35.48 16.04 2.76
CA VAL D 211 -36.28 15.64 1.62
C VAL D 211 -37.26 14.53 2.01
N SER D 212 -36.86 13.73 2.99
CA SER D 212 -37.70 12.64 3.47
C SER D 212 -37.38 12.42 4.94
N SER D 213 -38.07 11.46 5.56
CA SER D 213 -37.85 11.17 6.97
C SER D 213 -38.72 9.98 7.41
N SER D 214 -38.18 9.14 8.29
CA SER D 214 -38.90 7.97 8.77
C SER D 214 -38.43 7.54 10.16
N GLU D 227 -35.53 5.91 14.14
CA GLU D 227 -36.11 6.85 13.19
C GLU D 227 -35.05 7.82 12.67
N SER D 228 -35.11 8.13 11.39
CA SER D 228 -34.14 9.01 10.78
C SER D 228 -34.73 10.00 9.77
N ARG D 229 -33.94 11.02 9.44
CA ARG D 229 -34.32 12.04 8.48
C ARG D 229 -33.28 11.99 7.35
N LEU D 230 -33.67 12.39 6.15
CA LEU D 230 -32.74 12.38 5.03
C LEU D 230 -32.46 13.81 4.56
N TYR D 231 -31.22 14.05 4.14
CA TYR D 231 -30.82 15.37 3.67
C TYR D 231 -30.12 15.31 2.32
N SER D 232 -30.27 16.39 1.55
CA SER D 232 -29.64 16.48 0.25
C SER D 232 -29.39 17.93 -0.12
N ASP D 233 -28.32 18.18 -0.88
CA ASP D 233 -27.98 19.53 -1.30
C ASP D 233 -28.04 19.60 -2.82
N GLY D 234 -28.51 18.51 -3.44
CA GLY D 234 -28.62 18.43 -4.88
C GLY D 234 -27.46 17.69 -5.51
N LEU D 235 -26.50 17.26 -4.69
CA LEU D 235 -25.31 16.56 -5.17
C LEU D 235 -24.94 15.45 -4.21
N PHE D 236 -24.93 15.77 -2.91
CA PHE D 236 -24.59 14.79 -1.88
C PHE D 236 -25.77 14.58 -0.94
N SER D 237 -25.88 13.36 -0.41
CA SER D 237 -26.97 13.04 0.51
C SER D 237 -26.45 12.35 1.76
N PHE D 238 -27.29 12.31 2.80
CA PHE D 238 -26.92 11.66 4.05
C PHE D 238 -28.13 11.56 4.98
N SER D 239 -28.14 10.51 5.79
CA SER D 239 -29.24 10.31 6.73
C SER D 239 -28.76 10.53 8.15
N VAL D 240 -29.59 11.19 8.95
CA VAL D 240 -29.27 11.42 10.36
C VAL D 240 -30.11 10.42 11.12
N ASN D 241 -29.47 9.59 11.93
CA ASN D 241 -30.20 8.58 12.68
C ASN D 241 -30.13 8.81 14.18
N VAL D 242 -31.25 8.58 14.84
CA VAL D 242 -31.35 8.77 16.28
C VAL D 242 -32.24 7.74 16.96
N ASN D 243 -31.69 7.11 17.99
CA ASN D 243 -32.41 6.12 18.77
C ASN D 243 -31.86 6.16 20.18
N ARG D 244 -32.61 5.61 21.13
CA ARG D 244 -32.21 5.60 22.53
C ARG D 244 -31.04 4.63 22.74
N ALA D 245 -29.81 5.16 22.70
CA ALA D 245 -28.60 4.37 22.89
C ALA D 245 -28.70 3.52 24.15
N THR D 246 -28.25 2.26 24.08
CA THR D 246 -28.34 1.42 25.28
C THR D 246 -27.31 0.31 25.52
N PRO D 247 -27.37 -0.81 24.75
CA PRO D 247 -26.41 -1.89 24.98
C PRO D 247 -24.93 -1.55 24.78
N SER D 248 -24.37 -2.08 23.70
CA SER D 248 -22.97 -1.87 23.36
C SER D 248 -22.80 -0.54 22.62
N SER D 249 -23.47 0.49 23.11
CA SER D 249 -23.40 1.82 22.51
C SER D 249 -22.03 2.48 22.70
N THR D 250 -21.55 3.15 21.66
CA THR D 250 -20.26 3.83 21.71
C THR D 250 -20.04 4.75 20.51
N ASP D 251 -19.27 5.80 20.72
CA ASP D 251 -18.95 6.72 19.64
C ASP D 251 -18.18 5.86 18.65
N GLN D 252 -18.35 6.12 17.36
CA GLN D 252 -17.67 5.32 16.36
C GLN D 252 -17.67 5.95 14.99
N MET D 253 -16.46 6.21 14.48
CA MET D 253 -16.30 6.79 13.16
C MET D 253 -16.04 5.60 12.26
N LEU D 254 -16.71 5.55 11.11
CA LEU D 254 -16.53 4.44 10.21
C LEU D 254 -16.69 4.85 8.74
N ARG D 255 -15.62 4.65 7.99
CA ARG D 255 -15.63 4.98 6.57
C ARG D 255 -15.71 3.66 5.82
N THR D 256 -16.18 3.72 4.58
CA THR D 256 -16.31 2.55 3.74
C THR D 256 -16.52 3.10 2.33
N GLY D 257 -15.47 3.71 1.80
CA GLY D 257 -15.54 4.31 0.49
C GLY D 257 -15.90 5.76 0.70
N ARG D 258 -16.84 6.27 -0.10
CA ARG D 258 -17.28 7.64 0.03
C ARG D 258 -18.33 7.68 1.14
N ARG D 259 -18.86 6.52 1.46
CA ARG D 259 -19.89 6.39 2.48
C ARG D 259 -19.28 6.51 3.87
N THR D 260 -19.83 7.42 4.66
CA THR D 260 -19.34 7.62 6.01
C THR D 260 -20.42 7.39 7.04
N VAL D 261 -20.07 6.66 8.10
CA VAL D 261 -21.00 6.37 9.18
C VAL D 261 -20.38 6.88 10.48
N SER D 262 -21.01 7.87 11.10
CA SER D 262 -20.52 8.45 12.33
C SER D 262 -21.53 8.36 13.47
N THR D 263 -21.15 7.69 14.56
CA THR D 263 -22.01 7.51 15.72
C THR D 263 -21.49 8.34 16.89
N SER D 264 -22.40 8.83 17.72
CA SER D 264 -22.01 9.63 18.88
C SER D 264 -23.13 9.77 19.90
N VAL D 265 -23.04 8.97 20.97
CA VAL D 265 -24.04 9.00 22.04
C VAL D 265 -24.01 10.34 22.76
N ARG D 266 -25.18 10.93 22.96
CA ARG D 266 -25.29 12.22 23.63
C ARG D 266 -25.73 12.07 25.07
N ASP D 267 -26.94 11.54 25.26
CA ASP D 267 -27.50 11.34 26.59
C ASP D 267 -28.31 10.06 26.55
N ASN D 268 -29.49 10.11 25.93
CA ASN D 268 -30.32 8.93 25.84
C ASN D 268 -30.07 8.28 24.49
N ALA D 269 -29.98 9.11 23.47
CA ALA D 269 -29.80 8.64 22.09
C ALA D 269 -28.42 8.26 21.60
N GLU D 270 -28.44 7.54 20.49
CA GLU D 270 -27.27 7.05 19.78
C GLU D 270 -27.44 7.68 18.41
N ILE D 271 -26.62 8.68 18.09
CA ILE D 271 -26.72 9.37 16.81
C ILE D 271 -25.73 8.84 15.80
N THR D 272 -26.26 8.27 14.71
CA THR D 272 -25.45 7.71 13.65
C THR D 272 -25.72 8.51 12.39
N ILE D 273 -24.66 9.03 11.77
CA ILE D 273 -24.80 9.81 10.55
C ILE D 273 -24.23 9.00 9.43
N VAL D 274 -25.02 8.76 8.38
CA VAL D 274 -24.57 7.96 7.23
C VAL D 274 -24.61 8.77 5.94
N GLY D 275 -23.61 8.58 5.07
CA GLY D 275 -23.64 9.32 3.82
C GLY D 275 -22.36 9.95 3.28
N GLU D 276 -22.54 10.63 2.15
CA GLU D 276 -21.45 11.29 1.45
C GLU D 276 -20.97 12.53 2.17
N LEU D 277 -20.37 12.34 3.34
CA LEU D 277 -19.87 13.47 4.09
C LEU D 277 -18.55 13.15 4.75
N PRO D 278 -17.65 14.14 4.79
CA PRO D 278 -16.34 13.94 5.43
C PRO D 278 -16.64 13.64 6.92
N PRO D 279 -15.81 12.84 7.59
CA PRO D 279 -16.02 12.52 9.01
C PRO D 279 -16.20 13.76 9.86
N GLN D 280 -15.24 14.68 9.83
CA GLN D 280 -15.33 15.91 10.60
C GLN D 280 -16.72 16.52 10.44
N THR D 281 -17.10 16.77 9.19
CA THR D 281 -18.39 17.36 8.86
C THR D 281 -19.57 16.61 9.46
N ALA D 282 -19.55 15.28 9.37
CA ALA D 282 -20.63 14.47 9.91
C ALA D 282 -20.67 14.65 11.43
N LYS D 283 -19.50 14.55 12.05
CA LYS D 283 -19.36 14.70 13.49
C LYS D 283 -20.02 15.97 14.00
N ARG D 284 -19.77 17.08 13.28
CA ARG D 284 -20.33 18.37 13.66
C ARG D 284 -21.83 18.40 13.65
N ILE D 285 -22.43 17.64 12.74
CA ILE D 285 -23.88 17.58 12.63
C ILE D 285 -24.54 16.81 13.77
N ALA D 286 -24.00 15.61 14.05
CA ALA D 286 -24.55 14.76 15.11
C ALA D 286 -24.39 15.37 16.50
N GLU D 287 -23.33 16.15 16.70
CA GLU D 287 -23.11 16.76 18.01
C GLU D 287 -23.82 18.10 18.11
N ASN D 288 -24.18 18.67 16.96
CA ASN D 288 -24.86 19.96 16.94
C ASN D 288 -26.38 19.81 16.90
N ILE D 289 -26.86 18.64 17.33
CA ILE D 289 -28.28 18.37 17.37
C ILE D 289 -28.84 18.82 18.72
N LYS D 290 -29.62 19.88 18.74
CA LYS D 290 -30.20 20.31 20.02
C LYS D 290 -31.39 19.40 20.28
N PHE D 291 -31.16 18.38 21.10
CA PHE D 291 -32.17 17.38 21.44
C PHE D 291 -33.42 17.97 22.10
N GLU E 12 8.43 -1.74 -1.35
CA GLU E 12 8.12 -0.79 -0.23
C GLU E 12 6.77 -0.99 0.43
N THR E 13 6.79 -1.64 1.58
CA THR E 13 5.61 -1.82 2.40
C THR E 13 6.17 -0.97 3.51
N PRO E 14 5.74 0.29 3.62
CA PRO E 14 6.27 1.15 4.68
C PRO E 14 6.64 0.42 5.97
N VAL E 15 5.81 -0.56 6.33
CA VAL E 15 6.00 -1.31 7.56
C VAL E 15 7.35 -2.01 7.80
N PHE E 16 7.96 -2.58 6.75
CA PHE E 16 9.21 -3.32 6.92
C PHE E 16 10.48 -2.55 6.66
N ASN E 17 10.33 -1.29 6.26
CA ASN E 17 11.49 -0.43 5.99
C ASN E 17 11.95 0.15 7.32
N THR E 18 13.14 -0.24 7.75
CA THR E 18 13.66 0.21 9.05
C THR E 18 14.49 1.49 9.00
N LEU E 19 14.92 1.88 7.81
CA LEU E 19 15.74 3.07 7.63
C LEU E 19 15.00 4.04 6.72
N PRO E 20 13.96 4.69 7.25
CA PRO E 20 13.15 5.65 6.49
C PRO E 20 13.93 6.84 5.92
N MET E 21 13.48 7.33 4.78
CA MET E 21 14.12 8.47 4.14
C MET E 21 13.88 9.68 5.02
N MET E 22 14.96 10.38 5.37
CA MET E 22 14.91 11.57 6.20
C MET E 22 14.45 11.27 7.62
N GLY E 23 15.18 10.38 8.29
CA GLY E 23 14.85 10.03 9.66
C GLY E 23 14.87 11.25 10.58
N LYS E 24 14.37 11.08 11.80
CA LYS E 24 14.30 12.16 12.78
C LYS E 24 15.64 12.77 13.18
N ALA E 25 16.72 11.99 13.10
CA ALA E 25 18.02 12.50 13.48
C ALA E 25 18.87 13.03 12.33
N SER E 26 18.29 13.09 11.13
CA SER E 26 19.01 13.61 9.96
C SER E 26 19.41 15.07 10.17
N PRO E 27 20.62 15.45 9.73
CA PRO E 27 21.09 16.83 9.88
C PRO E 27 20.26 17.78 9.02
N VAL E 28 20.03 19.00 9.50
CA VAL E 28 19.26 19.98 8.75
C VAL E 28 20.12 20.61 7.65
N SER E 29 19.66 20.49 6.41
CA SER E 29 20.38 21.01 5.25
C SER E 29 20.50 22.54 5.28
N LEU E 30 21.63 23.05 4.83
CA LEU E 30 21.88 24.49 4.81
C LEU E 30 21.79 25.12 3.42
N GLY E 31 22.47 24.52 2.44
CA GLY E 31 22.43 25.04 1.09
C GLY E 31 23.76 25.56 0.59
N GLN E 49 10.21 22.61 -12.02
CA GLN E 49 9.86 23.43 -10.86
C GLN E 49 9.90 22.60 -9.58
N ARG E 50 10.22 21.31 -9.72
CA ARG E 50 10.28 20.42 -8.57
C ARG E 50 11.43 20.71 -7.62
N ARG E 51 12.65 20.80 -8.15
CA ARG E 51 13.82 21.06 -7.30
C ARG E 51 13.71 22.39 -6.56
N ARG E 52 12.79 23.25 -6.99
CA ARG E 52 12.61 24.54 -6.31
C ARG E 52 11.73 24.34 -5.08
N ILE E 53 10.91 23.30 -5.13
CA ILE E 53 10.01 22.99 -4.02
C ILE E 53 10.69 22.01 -3.05
N ASN E 54 11.83 21.48 -3.49
CA ASN E 54 12.61 20.59 -2.65
C ASN E 54 13.45 21.52 -1.77
N ALA E 55 13.71 22.71 -2.31
CA ALA E 55 14.50 23.73 -1.61
C ALA E 55 13.58 24.51 -0.68
N MET E 56 12.31 24.61 -1.06
CA MET E 56 11.34 25.31 -0.24
C MET E 56 10.96 24.41 0.93
N LEU E 57 11.19 23.12 0.75
CA LEU E 57 10.88 22.14 1.77
C LEU E 57 11.95 22.15 2.86
N GLN E 58 13.22 22.03 2.46
CA GLN E 58 14.30 22.03 3.43
C GLN E 58 14.58 23.41 4.02
N ASP E 59 13.97 24.45 3.45
CA ASP E 59 14.17 25.79 3.99
C ASP E 59 13.16 25.95 5.12
N TYR E 60 12.03 25.27 4.97
CA TYR E 60 10.97 25.29 5.98
C TYR E 60 11.54 24.60 7.23
N GLU E 61 12.24 23.49 7.02
CA GLU E 61 12.82 22.74 8.12
C GLU E 61 13.88 23.58 8.81
N LEU E 62 14.80 24.14 8.02
CA LEU E 62 15.90 24.97 8.52
C LEU E 62 15.31 26.05 9.43
N GLN E 63 14.21 26.65 8.97
CA GLN E 63 13.51 27.71 9.69
C GLN E 63 12.93 27.22 11.02
N ARG E 64 12.26 26.06 10.97
CA ARG E 64 11.65 25.46 12.16
C ARG E 64 12.63 25.36 13.32
N ARG E 65 13.85 24.98 13.01
CA ARG E 65 14.89 24.81 14.01
C ARG E 65 15.60 26.11 14.39
N LEU E 66 15.65 27.06 13.47
CA LEU E 66 16.28 28.35 13.76
C LEU E 66 15.33 29.18 14.59
N HIS E 67 14.07 28.74 14.68
CA HIS E 67 13.05 29.50 15.41
C HIS E 67 12.28 28.71 16.47
N SER E 68 12.89 27.69 17.04
CA SER E 68 12.22 26.90 18.07
C SER E 68 12.27 27.64 19.42
N GLU E 69 11.36 28.58 19.60
CA GLU E 69 11.28 29.38 20.82
C GLU E 69 10.32 28.81 21.86
N GLN E 70 10.64 27.64 22.38
CA GLN E 70 9.81 27.01 23.40
C GLN E 70 10.20 27.60 24.76
N GLU F 12 -0.31 9.29 -3.26
CA GLU F 12 -1.02 8.62 -4.39
C GLU F 12 -1.22 7.11 -4.21
N THR F 13 -2.47 6.71 -4.01
CA THR F 13 -2.76 5.28 -3.92
C THR F 13 -2.93 4.95 -5.41
N PRO F 14 -1.98 4.18 -5.96
CA PRO F 14 -1.92 3.74 -7.37
C PRO F 14 -3.21 3.29 -8.05
N VAL F 15 -4.22 2.95 -7.28
CA VAL F 15 -5.48 2.53 -7.89
C VAL F 15 -6.01 3.72 -8.71
N PHE F 16 -5.72 4.92 -8.21
CA PHE F 16 -6.19 6.14 -8.84
C PHE F 16 -5.24 6.83 -9.80
N ASN F 17 -4.03 6.26 -9.96
CA ASN F 17 -3.05 6.84 -10.89
C ASN F 17 -3.43 6.34 -12.27
N THR F 18 -3.90 7.25 -13.12
CA THR F 18 -4.34 6.85 -14.46
C THR F 18 -3.29 6.95 -15.56
N LEU F 19 -2.13 7.51 -15.22
CA LEU F 19 -1.02 7.69 -16.15
C LEU F 19 0.25 7.07 -15.56
N PRO F 20 0.29 5.73 -15.44
CA PRO F 20 1.45 5.04 -14.88
C PRO F 20 2.77 5.33 -15.59
N MET F 21 3.85 5.38 -14.81
CA MET F 21 5.17 5.62 -15.37
C MET F 21 5.54 4.44 -16.26
N MET F 22 5.96 4.75 -17.47
CA MET F 22 6.33 3.76 -18.48
C MET F 22 5.13 2.96 -19.00
N GLY F 23 4.09 3.69 -19.42
CA GLY F 23 2.90 3.05 -19.96
C GLY F 23 3.25 2.12 -21.10
N LYS F 24 2.32 1.24 -21.45
CA LYS F 24 2.51 0.26 -22.51
C LYS F 24 2.87 0.82 -23.89
N ALA F 25 2.37 2.00 -24.23
CA ALA F 25 2.65 2.59 -25.53
C ALA F 25 3.79 3.60 -25.57
N SER F 26 4.72 3.48 -24.63
CA SER F 26 5.87 4.39 -24.59
C SER F 26 6.96 3.90 -25.53
N PRO F 27 7.68 4.84 -26.18
CA PRO F 27 8.76 4.50 -27.11
C PRO F 27 9.94 3.80 -26.43
N VAL F 28 10.43 2.74 -27.06
CA VAL F 28 11.55 1.97 -26.51
C VAL F 28 12.88 2.71 -26.66
N SER F 29 13.33 3.34 -25.57
CA SER F 29 14.58 4.11 -25.53
C SER F 29 15.76 3.53 -26.33
N LEU F 30 16.73 4.38 -26.63
CA LEU F 30 17.91 3.99 -27.41
C LEU F 30 19.24 4.41 -26.79
N GLY F 31 19.35 5.68 -26.39
CA GLY F 31 20.59 6.16 -25.80
C GLY F 31 21.50 6.87 -26.79
N GLN F 49 25.84 3.07 -9.30
CA GLN F 49 25.41 1.78 -9.83
C GLN F 49 23.91 1.78 -10.10
N ARG F 50 23.20 2.74 -9.51
CA ARG F 50 21.75 2.85 -9.68
C ARG F 50 21.39 3.53 -10.99
N ARG F 51 22.42 3.84 -11.77
CA ARG F 51 22.23 4.49 -13.07
C ARG F 51 22.53 3.43 -14.11
N ARG F 52 23.41 2.49 -13.74
CA ARG F 52 23.79 1.42 -14.64
C ARG F 52 22.70 0.35 -14.73
N ILE F 53 21.90 0.23 -13.67
CA ILE F 53 20.82 -0.74 -13.65
C ILE F 53 19.65 -0.18 -14.44
N ASN F 54 19.57 1.14 -14.49
CA ASN F 54 18.52 1.82 -15.23
C ASN F 54 18.85 1.68 -16.71
N ALA F 55 20.09 1.34 -17.00
CA ALA F 55 20.56 1.17 -18.37
C ALA F 55 20.47 -0.28 -18.82
N MET F 56 20.88 -1.20 -17.95
CA MET F 56 20.81 -2.62 -18.27
C MET F 56 19.35 -3.01 -18.41
N LEU F 57 18.48 -2.22 -17.78
CA LEU F 57 17.05 -2.44 -17.81
C LEU F 57 16.52 -1.91 -19.13
N GLN F 58 16.82 -0.65 -19.40
CA GLN F 58 16.39 0.01 -20.62
C GLN F 58 16.96 -0.71 -21.84
N ASP F 59 17.99 -1.51 -21.62
CA ASP F 59 18.61 -2.26 -22.70
C ASP F 59 17.90 -3.61 -22.83
N TYR F 60 17.31 -4.06 -21.74
CA TYR F 60 16.55 -5.31 -21.73
C TYR F 60 15.32 -5.11 -22.62
N GLU F 61 14.75 -3.91 -22.54
CA GLU F 61 13.58 -3.55 -23.32
C GLU F 61 13.88 -3.52 -24.81
N LEU F 62 14.77 -2.60 -25.20
CA LEU F 62 15.17 -2.47 -26.60
C LEU F 62 15.39 -3.86 -27.20
N GLN F 63 16.12 -4.69 -26.48
CA GLN F 63 16.42 -6.06 -26.92
C GLN F 63 15.17 -6.91 -27.11
N ARG F 64 14.22 -6.81 -26.18
CA ARG F 64 12.98 -7.58 -26.25
C ARG F 64 12.27 -7.37 -27.59
N ARG F 65 12.25 -6.13 -28.03
CA ARG F 65 11.60 -5.74 -29.28
C ARG F 65 12.41 -6.07 -30.53
N LEU F 66 13.73 -5.95 -30.45
CA LEU F 66 14.59 -6.27 -31.59
C LEU F 66 14.52 -7.75 -31.88
N HIS F 67 14.00 -8.51 -30.92
CA HIS F 67 13.92 -9.95 -31.06
C HIS F 67 12.51 -10.51 -30.92
N SER F 68 11.51 -9.67 -31.17
CA SER F 68 10.13 -10.11 -31.10
C SER F 68 9.86 -10.98 -32.32
N GLU F 69 10.17 -12.27 -32.19
CA GLU F 69 9.97 -13.23 -33.28
C GLU F 69 8.97 -14.31 -32.90
N GLN F 70 7.86 -14.35 -33.62
CA GLN F 70 6.81 -15.33 -33.37
C GLN F 70 7.19 -16.72 -33.90
N VAL G 15 0.44 -0.54 9.73
CA VAL G 15 1.69 0.11 10.25
C VAL G 15 1.39 0.88 11.54
N PHE G 16 0.19 1.47 11.61
CA PHE G 16 -0.21 2.24 12.79
C PHE G 16 -1.06 1.40 13.73
N ASN G 17 -1.27 0.13 13.38
CA ASN G 17 -2.06 -0.78 14.20
C ASN G 17 -1.25 -1.23 15.42
N THR G 18 -1.48 -0.54 16.54
CA THR G 18 -0.78 -0.79 17.80
C THR G 18 -0.94 -2.20 18.38
N LEU G 19 -2.14 -2.76 18.23
CA LEU G 19 -2.44 -4.08 18.77
C LEU G 19 -2.91 -5.10 17.75
N PRO G 20 -1.97 -5.79 17.08
CA PRO G 20 -2.32 -6.79 16.07
C PRO G 20 -3.16 -7.92 16.69
N MET G 21 -4.24 -8.29 16.01
CA MET G 21 -5.07 -9.38 16.48
C MET G 21 -4.23 -10.65 16.34
N MET G 22 -4.29 -11.54 17.34
CA MET G 22 -3.50 -12.77 17.33
C MET G 22 -2.05 -12.41 17.66
N GLY G 23 -1.87 -11.70 18.78
CA GLY G 23 -0.55 -11.30 19.21
C GLY G 23 0.38 -12.43 19.61
N LYS G 24 1.63 -12.09 19.92
CA LYS G 24 2.63 -13.08 20.30
C LYS G 24 2.36 -13.66 21.70
N ALA G 25 1.74 -12.89 22.57
CA ALA G 25 1.44 -13.34 23.93
C ALA G 25 -0.02 -13.76 24.13
N SER G 26 -0.67 -14.18 23.06
CA SER G 26 -2.06 -14.61 23.12
C SER G 26 -2.12 -16.08 23.50
N PRO G 27 -3.16 -16.48 24.25
CA PRO G 27 -3.28 -17.90 24.65
C PRO G 27 -3.33 -18.76 23.39
N VAL G 28 -2.53 -19.82 23.37
CA VAL G 28 -2.49 -20.72 22.22
C VAL G 28 -3.89 -20.95 21.63
N GLN G 49 -18.85 -21.00 7.25
CA GLN G 49 -18.00 -21.62 6.23
C GLN G 49 -16.51 -21.35 6.46
N ARG G 50 -16.20 -20.18 6.99
CA ARG G 50 -14.81 -19.81 7.28
C ARG G 50 -14.45 -20.27 8.68
N ARG G 51 -15.16 -21.28 9.17
CA ARG G 51 -14.93 -21.82 10.50
C ARG G 51 -14.20 -23.17 10.46
N ARG G 52 -13.99 -23.69 9.25
CA ARG G 52 -13.29 -24.95 9.07
C ARG G 52 -11.79 -24.71 9.04
N ILE G 53 -11.40 -23.63 8.36
CA ILE G 53 -9.99 -23.27 8.26
C ILE G 53 -9.47 -22.71 9.58
N ASN G 54 -10.18 -21.73 10.13
CA ASN G 54 -9.80 -21.11 11.38
C ASN G 54 -9.72 -22.15 12.49
N ALA G 55 -10.27 -23.32 12.23
CA ALA G 55 -10.25 -24.41 13.20
C ALA G 55 -8.94 -25.18 13.04
N MET G 56 -8.59 -25.48 11.79
CA MET G 56 -7.34 -26.20 11.53
C MET G 56 -6.16 -25.29 11.84
N LEU G 57 -6.41 -23.99 11.85
CA LEU G 57 -5.38 -23.00 12.15
C LEU G 57 -5.03 -22.98 13.63
N GLN G 58 -6.05 -23.08 14.47
CA GLN G 58 -5.85 -23.07 15.91
C GLN G 58 -5.25 -24.38 16.42
N ASP G 59 -5.53 -25.48 15.71
CA ASP G 59 -5.00 -26.77 16.11
C ASP G 59 -3.52 -26.85 15.75
N TYR G 60 -3.15 -26.21 14.65
CA TYR G 60 -1.76 -26.16 14.21
C TYR G 60 -0.92 -25.48 15.29
N GLU G 61 -1.45 -24.38 15.82
CA GLU G 61 -0.79 -23.61 16.85
C GLU G 61 -0.61 -24.41 18.14
N LEU G 62 -1.67 -25.12 18.53
CA LEU G 62 -1.61 -25.94 19.75
C LEU G 62 -0.62 -27.08 19.53
N GLN G 63 -0.73 -27.74 18.39
CA GLN G 63 0.13 -28.86 18.06
C GLN G 63 1.62 -28.53 18.00
N ARG G 64 1.98 -27.32 17.57
CA ARG G 64 3.40 -26.98 17.50
C ARG G 64 3.91 -26.53 18.87
N ARG G 65 2.99 -26.39 19.81
CA ARG G 65 3.34 -26.01 21.18
C ARG G 65 3.34 -27.24 22.08
N LEU G 66 2.35 -28.10 21.89
CA LEU G 66 2.28 -29.32 22.69
C LEU G 66 3.48 -30.19 22.31
N HIS G 67 3.57 -30.47 21.02
CA HIS G 67 4.63 -31.31 20.49
C HIS G 67 5.82 -30.51 19.94
N SER G 68 6.17 -29.42 20.63
CA SER G 68 7.30 -28.59 20.20
C SER G 68 8.59 -29.42 20.14
N GLU G 69 9.75 -28.76 20.11
CA GLU G 69 11.02 -29.50 20.02
C GLU G 69 12.18 -29.06 20.92
N GLN G 70 13.18 -29.95 20.98
CA GLN G 70 14.42 -29.85 21.74
C GLN G 70 14.44 -30.95 22.79
N PRO H 14 -5.78 -5.14 -4.02
CA PRO H 14 -6.73 -4.04 -3.71
C PRO H 14 -7.27 -3.39 -4.99
N VAL H 15 -6.47 -3.47 -6.05
CA VAL H 15 -6.85 -2.90 -7.34
C VAL H 15 -7.10 -4.01 -8.38
N PHE H 16 -6.62 -5.21 -8.07
CA PHE H 16 -6.81 -6.34 -8.97
C PHE H 16 -8.13 -7.05 -8.66
N ASN H 17 -8.87 -6.53 -7.69
CA ASN H 17 -10.17 -7.09 -7.33
C ASN H 17 -11.14 -6.56 -8.38
N THR H 18 -11.55 -7.43 -9.29
CA THR H 18 -12.44 -7.06 -10.38
C THR H 18 -13.92 -7.13 -10.06
N LEU H 19 -14.27 -7.77 -8.95
CA LEU H 19 -15.67 -7.90 -8.55
C LEU H 19 -15.92 -7.45 -7.11
N PRO H 20 -15.85 -6.14 -6.86
CA PRO H 20 -16.07 -5.57 -5.53
C PRO H 20 -17.44 -5.91 -4.94
N MET H 21 -17.49 -6.07 -3.62
CA MET H 21 -18.75 -6.35 -2.96
C MET H 21 -19.51 -5.03 -2.96
N MET H 22 -20.79 -5.09 -3.32
CA MET H 22 -21.65 -3.91 -3.43
C MET H 22 -21.31 -3.12 -4.69
N GLY H 23 -21.43 -3.80 -5.84
CA GLY H 23 -21.15 -3.17 -7.11
C GLY H 23 -22.17 -2.10 -7.43
N LYS H 24 -21.90 -1.31 -8.46
CA LYS H 24 -22.81 -0.24 -8.86
C LYS H 24 -24.15 -0.78 -9.38
N ALA H 25 -24.20 -2.07 -9.70
CA ALA H 25 -25.43 -2.66 -10.24
C ALA H 25 -26.17 -3.63 -9.31
N SER H 26 -25.71 -3.77 -8.07
CA SER H 26 -26.37 -4.68 -7.13
C SER H 26 -27.72 -4.13 -6.71
N PRO H 27 -28.72 -5.02 -6.52
CA PRO H 27 -30.05 -4.56 -6.11
C PRO H 27 -29.97 -3.84 -4.76
N VAL H 28 -30.21 -2.53 -4.77
CA VAL H 28 -30.15 -1.70 -3.58
C VAL H 28 -29.22 -2.28 -2.50
N ILE H 53 -26.23 -4.83 13.75
CA ILE H 53 -25.43 -3.63 13.80
C ILE H 53 -25.77 -2.63 12.69
N ASN H 54 -24.88 -2.54 11.69
CA ASN H 54 -25.03 -1.62 10.57
C ASN H 54 -26.18 -1.91 9.59
N ALA H 55 -27.41 -1.59 9.99
CA ALA H 55 -28.54 -1.83 9.10
C ALA H 55 -29.02 -0.49 8.55
N MET H 56 -28.46 0.59 9.08
CA MET H 56 -28.82 1.94 8.66
C MET H 56 -28.14 2.25 7.33
N LEU H 57 -27.09 1.50 7.02
CA LEU H 57 -26.35 1.67 5.77
C LEU H 57 -27.13 1.09 4.61
N GLN H 58 -28.25 0.45 4.90
CA GLN H 58 -29.06 -0.14 3.85
C GLN H 58 -30.31 0.69 3.58
N ASP H 59 -30.92 1.22 4.65
CA ASP H 59 -32.09 2.06 4.46
C ASP H 59 -31.58 3.34 3.81
N TYR H 60 -30.29 3.61 4.00
CA TYR H 60 -29.67 4.79 3.41
C TYR H 60 -29.68 4.65 1.89
N GLU H 61 -29.30 3.47 1.42
CA GLU H 61 -29.24 3.18 0.00
C GLU H 61 -30.63 3.17 -0.62
N LEU H 62 -31.55 2.51 0.08
CA LEU H 62 -32.92 2.43 -0.40
C LEU H 62 -33.60 3.80 -0.42
N GLN H 63 -33.45 4.55 0.68
CA GLN H 63 -34.07 5.85 0.80
C GLN H 63 -33.41 6.85 -0.13
N ARG H 64 -32.21 6.50 -0.60
CA ARG H 64 -31.47 7.37 -1.52
C ARG H 64 -32.03 7.17 -2.93
N ARG H 65 -32.68 6.02 -3.12
CA ARG H 65 -33.29 5.66 -4.38
C ARG H 65 -34.79 5.94 -4.29
N LEU H 66 -35.32 5.87 -3.08
CA LEU H 66 -36.73 6.13 -2.83
C LEU H 66 -36.93 7.56 -2.31
N HIS H 67 -36.34 8.52 -3.02
CA HIS H 67 -36.49 9.92 -2.62
C HIS H 67 -37.80 10.44 -3.20
N SER H 68 -38.74 10.76 -2.31
CA SER H 68 -40.05 11.25 -2.70
C SER H 68 -39.99 12.28 -3.84
#